data_7X8R
#
_entry.id   7X8R
#
loop_
_entity.id
_entity.type
_entity.pdbx_description
1 polymer 'Guanine nucleotide-binding protein G(s) subunit alpha isoforms short'
2 polymer 'Guanine nucleotide-binding protein G(I)/G(S)/G(T) subunit beta-1'
3 polymer 'Guanine nucleotide-binding protein G(I)/G(S)/G(O) subunit gamma-2'
4 polymer 'Nanobody 35'
5 polymer 'Glucagon-like peptide 1 receptor'
6 non-polymer '2,4-bis(3-methoxy-4-thiophen-2-ylcarbonyloxy-phenyl)-1,3-bis[[4-[(2-methylpropan-2-yl)oxycarbonylamino]phenyl]carbonylamino]cyclobutane-1,3-dicarboxylic acid'
#
loop_
_entity_poly.entity_id
_entity_poly.type
_entity_poly.pdbx_seq_one_letter_code
_entity_poly.pdbx_strand_id
1 'polypeptide(L)'
;MGCLGNSKTEDQRNEEKAQREANKKIEKQLQKDKQVYRATHRLLLLGAGESGKNTIVKQMRILHVNGFNGEGGEEDPQAA
RSNSDGEKATKVQDIKNNLKEAIETIVAAMSNLVPPVELANPENQFRVDYILSVMNVPDFDFPPEFYEHAKALWEDEGVR
ACYERSNEYQLIDCAQYFLDKIDVIKQADYVPSDQDLLRCRVLTSGIFETKFQVDKVNFHMFDVGAQRDERRKWIQCFND
VTAIIFVVASSSYNMVIREDNQTNRLQAALKLFDSIWNNKWLRDTSVILFLNKQDLLAEKVLAGKSKIEDYFPEFARYTT
PEDATPEPGEDPRVTRAKYFIRDEFLRISTASGDGRHYCYPHFTCAVDTENIRRVFNDCRDIIQRMHLRQYELL
;
A
2 'polypeptide(L)'
;MGSLLQSELDQLRQEAEQLKNQIRDARKACADATLSQITNNIDPVGRIQMRTRRTLRGHLAKIYAMHWGTDSRLLVSASQ
DGKLIIWDSYTTNKVHAIPLRSSWVMTCAYAPSGNYVACGGLDNICSIYNLKTREGNVRVSRELAGHTGYLSCCRFLDDN
QIVTSSGDTTCALWDIETGQQTTTFTGHTGDVMSLSLAPDTRLFVSGACDASAKLWDVREGMCRQTFTGHESDINAICFF
PNGNAFATGSDDATCRLFDLRADQELMTYSHDNIICGITSVSFSKSGRLLLAGYDDFNCNVWDALKADRAGVLAGHDNRV
SCLGVTDDGMAVATGSWDSFLKIWN
;
B
3 'polypeptide(L)' ASNNTASIAQARKLVEQLKMEANIDRIKVSKAAADLMAYCEAHAKEDPLLTPVPASENPFREKKFFCAIL G
4 'polypeptide(L)'
;MAQVQLQESGGGLVQPGGSLRLSCAASGFTFSNYKMNWVRQAPGKGLEWVSDISQSGASISYTGSVKGRFTISRDNAKNT
LYLQMNSLKPEDTAVYYCARCPAPFTRDCFDVTSTTYAYRGQGTQVTVSSHHHHHHEPEA
;
N
5 'polypeptide(L)'
;RPQGATVSLWETVQKWREYRRQCQRSLTEDPPPATDLFCNRTFDEYACWPDGEPGSFVNVSCPWYLPWASSVPQGHVYRF
CTAEGLWLQKDNSSLPWRDLSECEESKRGERSSPEEQLLFLYIIYTVGYALSFSALVIASAILLGFRHLHCTRNYIHLNL
FASFILRALSVFIKDAALKWMYSTAAQQHQWDGLLSYQDSLSCRLVFLLMQYCVAANYYWLLVEGVYLYTLLAFSVFSEQ
WIFRLYVSIGWGVPLLFVVPWGIVKYLYEDEGCWTRNSNMNYWLIIRLPILFAIGVNFLIFVRVICIVVSKLKANLMCKT
DIKCRLAKSTLTLIPLLGTHEVIFAFVMDEHARGTLRFIKLFTELSFTSFQGLMVAILYCFVNNEVQLEFRKSWERWRLE
HLHIQRDSSMKPLKCPTSSLSSGATAGSSMYTATCQASCS
;
R
#
loop_
_chem_comp.id
_chem_comp.type
_chem_comp.name
_chem_comp.formula
BYI non-polymer '2,4-bis(3-methoxy-4-thiophen-2-ylcarbonyloxy-phenyl)-1,3-bis[[4-[(2-methylpropan-2-yl)oxycarbonylamino]phenyl]carbonylamino]cyclobutane-1,3-dicarboxylic acid' 'C54 H52 N4 O16 S2'
#
# COMPACT_ATOMS: atom_id res chain seq x y z
N GLN A 12 12.07 32.60 -26.06
CA GLN A 12 12.51 32.08 -24.76
C GLN A 12 12.23 30.59 -24.64
N ARG A 13 11.86 29.97 -25.77
CA ARG A 13 11.59 28.54 -25.79
C ARG A 13 12.85 27.69 -25.65
N ASN A 14 14.04 28.30 -25.78
CA ASN A 14 15.27 27.55 -25.57
C ASN A 14 15.35 27.01 -24.16
N GLU A 15 14.91 27.78 -23.17
CA GLU A 15 14.84 27.28 -21.81
C GLU A 15 13.82 26.16 -21.69
N GLU A 16 12.73 26.21 -22.47
CA GLU A 16 11.79 25.11 -22.49
C GLU A 16 12.45 23.83 -23.00
N LYS A 17 13.24 23.92 -24.08
CA LYS A 17 13.97 22.75 -24.53
C LYS A 17 14.95 22.26 -23.47
N ALA A 18 15.69 23.18 -22.84
CA ALA A 18 16.66 22.79 -21.83
C ALA A 18 15.98 22.04 -20.69
N GLN A 19 14.81 22.50 -20.26
CA GLN A 19 14.01 21.77 -19.29
C GLN A 19 13.64 20.39 -19.82
N ARG A 20 13.29 20.31 -21.10
CA ARG A 20 12.98 19.01 -21.71
C ARG A 20 14.13 18.02 -21.56
N GLU A 21 15.35 18.42 -21.95
CA GLU A 21 16.46 17.46 -21.87
C GLU A 21 16.86 17.18 -20.43
N ALA A 22 16.75 18.16 -19.53
CA ALA A 22 17.02 17.87 -18.13
C ALA A 22 16.07 16.80 -17.62
N ASN A 23 14.79 16.91 -17.97
CA ASN A 23 13.82 15.88 -17.60
C ASN A 23 14.13 14.55 -18.24
N LYS A 24 14.55 14.55 -19.51
CA LYS A 24 14.86 13.29 -20.17
C LYS A 24 16.00 12.57 -19.46
N LYS A 25 17.06 13.30 -19.10
CA LYS A 25 18.17 12.68 -18.37
C LYS A 25 17.72 12.20 -17.00
N ILE A 26 16.93 13.01 -16.30
CA ILE A 26 16.45 12.61 -14.98
C ILE A 26 15.61 11.33 -15.08
N GLU A 27 14.76 11.24 -16.10
CA GLU A 27 13.91 10.07 -16.25
C GLU A 27 14.68 8.84 -16.70
N LYS A 28 15.75 9.01 -17.47
CA LYS A 28 16.63 7.88 -17.78
C LYS A 28 17.26 7.34 -16.50
N GLN A 29 17.77 8.24 -15.66
CA GLN A 29 18.33 7.81 -14.38
C GLN A 29 17.27 7.16 -13.51
N LEU A 30 16.05 7.68 -13.54
CA LEU A 30 14.95 7.10 -12.77
C LEU A 30 14.57 5.72 -13.28
N GLN A 31 14.64 5.49 -14.59
CA GLN A 31 14.41 4.16 -15.12
C GLN A 31 15.46 3.17 -14.64
N LYS A 32 16.73 3.59 -14.65
CA LYS A 32 17.78 2.73 -14.11
C LYS A 32 17.54 2.42 -12.63
N ASP A 33 17.17 3.45 -11.87
CA ASP A 33 16.89 3.26 -10.45
C ASP A 33 15.70 2.35 -10.22
N LYS A 34 14.68 2.45 -11.07
CA LYS A 34 13.53 1.56 -10.97
C LYS A 34 13.91 0.11 -11.24
N GLN A 35 14.76 -0.10 -12.25
CA GLN A 35 15.24 -1.46 -12.52
C GLN A 35 15.98 -2.01 -11.31
N VAL A 36 16.82 -1.19 -10.68
CA VAL A 36 17.53 -1.65 -9.49
C VAL A 36 16.55 -1.91 -8.34
N TYR A 37 15.56 -1.03 -8.17
CA TYR A 37 14.67 -1.07 -7.01
C TYR A 37 13.73 -2.26 -7.07
N ARG A 38 13.19 -2.58 -8.23
CA ARG A 38 12.22 -3.67 -8.33
C ARG A 38 12.86 -5.05 -8.24
N ALA A 39 14.17 -5.16 -8.37
CA ALA A 39 14.85 -6.44 -8.31
C ALA A 39 15.36 -6.80 -6.91
N THR A 40 15.06 -5.98 -5.91
CA THR A 40 15.51 -6.20 -4.55
C THR A 40 14.32 -6.48 -3.65
N HIS A 41 14.50 -7.39 -2.70
CA HIS A 41 13.47 -7.72 -1.73
C HIS A 41 13.81 -7.07 -0.40
N ARG A 42 12.89 -6.26 0.12
CA ARG A 42 13.08 -5.56 1.37
C ARG A 42 12.40 -6.33 2.49
N LEU A 43 13.12 -6.55 3.58
CA LEU A 43 12.66 -7.35 4.70
C LEU A 43 12.76 -6.53 5.98
N LEU A 44 11.77 -6.69 6.85
CA LEU A 44 11.78 -6.06 8.17
C LEU A 44 12.04 -7.12 9.22
N LEU A 45 13.09 -6.92 10.01
CA LEU A 45 13.47 -7.86 11.06
C LEU A 45 12.98 -7.31 12.40
N LEU A 46 12.14 -8.10 13.08
CA LEU A 46 11.59 -7.71 14.36
C LEU A 46 11.94 -8.75 15.42
N GLY A 47 11.90 -8.32 16.67
CA GLY A 47 12.18 -9.20 17.78
C GLY A 47 12.44 -8.42 19.04
N ALA A 48 12.61 -9.16 20.12
CA ALA A 48 12.87 -8.58 21.43
C ALA A 48 14.37 -8.62 21.72
N GLY A 49 14.75 -8.11 22.91
CA GLY A 49 16.15 -8.08 23.28
C GLY A 49 16.75 -9.46 23.46
N GLU A 50 16.02 -10.35 24.12
CA GLU A 50 16.47 -11.72 24.33
C GLU A 50 15.83 -12.63 23.28
N SER A 51 16.22 -12.42 22.03
CA SER A 51 15.73 -13.26 20.94
C SER A 51 16.81 -13.72 19.98
N GLY A 52 18.00 -13.13 19.98
CA GLY A 52 19.07 -13.58 19.13
C GLY A 52 19.00 -13.14 17.69
N LYS A 53 18.18 -12.13 17.37
CA LYS A 53 18.11 -11.67 15.99
C LYS A 53 19.39 -10.97 15.56
N ASN A 54 20.11 -10.36 16.51
CA ASN A 54 21.40 -9.77 16.18
C ASN A 54 22.41 -10.83 15.76
N THR A 55 22.38 -11.99 16.42
CA THR A 55 23.22 -13.10 15.99
C THR A 55 22.82 -13.59 14.60
N ILE A 56 21.52 -13.54 14.29
CA ILE A 56 21.06 -13.89 12.94
C ILE A 56 21.64 -12.92 11.92
N VAL A 57 21.63 -11.62 12.24
CA VAL A 57 22.22 -10.63 11.35
C VAL A 57 23.70 -10.89 11.15
N LYS A 58 24.42 -11.18 12.25
CA LYS A 58 25.84 -11.47 12.14
C LYS A 58 26.09 -12.69 11.26
N GLN A 59 25.29 -13.75 11.44
CA GLN A 59 25.48 -14.96 10.66
C GLN A 59 25.22 -14.71 9.18
N MET A 60 24.18 -13.93 8.86
CA MET A 60 23.92 -13.64 7.46
C MET A 60 24.96 -12.72 6.85
N ARG A 61 25.53 -11.80 7.65
CA ARG A 61 26.57 -10.92 7.12
C ARG A 61 27.86 -11.67 6.86
N ILE A 62 28.31 -12.49 7.82
CA ILE A 62 29.59 -13.16 7.68
C ILE A 62 29.53 -14.28 6.66
N LEU A 63 28.35 -14.76 6.29
CA LEU A 63 28.22 -15.82 5.31
C LEU A 63 27.62 -15.28 4.01
N THR A 204 22.46 5.84 18.36
CA THR A 204 22.64 6.94 17.44
C THR A 204 21.73 6.78 16.20
N SER A 205 22.22 5.99 15.23
CA SER A 205 21.46 5.77 14.02
C SER A 205 20.18 5.00 14.29
N GLY A 206 19.11 5.39 13.61
CA GLY A 206 17.78 4.86 13.88
C GLY A 206 17.37 3.62 13.15
N ILE A 207 18.19 3.13 12.22
CA ILE A 207 17.86 1.92 11.49
C ILE A 207 19.14 1.30 10.97
N PHE A 208 19.21 -0.02 11.02
CA PHE A 208 20.36 -0.78 10.56
C PHE A 208 19.96 -1.62 9.35
N GLU A 209 20.83 -1.64 8.35
CA GLU A 209 20.55 -2.29 7.08
C GLU A 209 21.52 -3.43 6.84
N THR A 210 21.03 -4.49 6.22
CA THR A 210 21.84 -5.66 5.89
C THR A 210 21.57 -6.09 4.46
N LYS A 211 22.63 -6.24 3.68
CA LYS A 211 22.55 -6.71 2.30
C LYS A 211 23.11 -8.12 2.22
N PHE A 212 22.38 -9.02 1.56
CA PHE A 212 22.89 -10.34 1.29
C PHE A 212 22.25 -10.86 0.01
N GLN A 213 22.93 -11.82 -0.61
CA GLN A 213 22.47 -12.44 -1.85
C GLN A 213 22.31 -13.93 -1.64
N VAL A 214 21.18 -14.46 -2.10
CA VAL A 214 20.95 -15.90 -2.17
C VAL A 214 20.50 -16.22 -3.58
N ASP A 215 21.27 -17.06 -4.27
CA ASP A 215 20.98 -17.44 -5.66
C ASP A 215 20.86 -16.21 -6.55
N LYS A 216 21.77 -15.26 -6.36
CA LYS A 216 21.88 -14.02 -7.13
C LYS A 216 20.68 -13.09 -6.95
N VAL A 217 19.79 -13.40 -6.01
CA VAL A 217 18.66 -12.54 -5.69
C VAL A 217 19.03 -11.68 -4.50
N ASN A 218 18.81 -10.37 -4.62
CA ASN A 218 19.27 -9.42 -3.63
C ASN A 218 18.20 -9.20 -2.56
N PHE A 219 18.63 -9.18 -1.30
CA PHE A 219 17.74 -8.96 -0.17
C PHE A 219 18.28 -7.83 0.68
N HIS A 220 17.38 -6.97 1.15
CA HIS A 220 17.73 -5.84 2.01
C HIS A 220 16.95 -5.99 3.31
N MET A 221 17.61 -6.44 4.36
CA MET A 221 16.97 -6.64 5.65
C MET A 221 17.24 -5.43 6.54
N PHE A 222 16.18 -4.89 7.13
CA PHE A 222 16.26 -3.68 7.93
C PHE A 222 15.94 -3.99 9.38
N ASP A 223 16.85 -3.61 10.27
CA ASP A 223 16.67 -3.77 11.70
C ASP A 223 16.55 -2.41 12.35
N VAL A 224 15.59 -2.27 13.25
CA VAL A 224 15.29 -1.00 13.90
C VAL A 224 16.12 -0.88 15.16
N GLY A 225 16.94 0.17 15.24
CA GLY A 225 17.67 0.48 16.45
C GLY A 225 17.45 1.94 16.82
N ALA A 226 17.77 2.24 18.08
CA ALA A 226 17.70 3.62 18.59
C ALA A 226 16.35 4.25 18.34
N GLN A 227 15.30 3.52 18.70
CA GLN A 227 13.93 4.03 18.67
C GLN A 227 13.25 3.68 19.98
N ARG A 228 12.27 4.49 20.36
CA ARG A 228 11.49 4.20 21.55
C ARG A 228 10.61 2.98 21.32
N ASP A 229 10.18 2.37 22.42
CA ASP A 229 9.43 1.12 22.35
C ASP A 229 8.06 1.29 21.71
N GLU A 230 7.56 2.51 21.56
CA GLU A 230 6.28 2.75 20.91
C GLU A 230 6.47 2.69 19.41
N ARG A 231 5.95 1.64 18.77
CA ARG A 231 6.24 1.34 17.38
C ARG A 231 5.06 1.54 16.44
N ARG A 232 3.93 2.06 16.93
CA ARG A 232 2.73 2.12 16.11
C ARG A 232 2.79 3.16 15.01
N LYS A 233 3.76 4.08 15.05
CA LYS A 233 3.87 5.11 14.02
C LYS A 233 4.90 4.76 12.95
N TRP A 234 6.08 4.28 13.36
CA TRP A 234 7.10 3.97 12.36
C TRP A 234 6.96 2.57 11.77
N ILE A 235 6.02 1.77 12.27
CA ILE A 235 5.79 0.46 11.66
C ILE A 235 5.10 0.60 10.30
N GLN A 236 4.41 1.71 10.06
CA GLN A 236 3.71 1.94 8.81
C GLN A 236 4.65 2.18 7.65
N CYS A 237 5.93 2.46 7.90
CA CYS A 237 6.91 2.59 6.83
C CYS A 237 7.15 1.26 6.12
N PHE A 238 6.82 0.14 6.74
CA PHE A 238 7.11 -1.18 6.22
C PHE A 238 5.84 -1.90 5.78
N ASN A 239 4.90 -1.16 5.21
CA ASN A 239 3.65 -1.75 4.74
C ASN A 239 3.79 -2.42 3.38
N ASP A 240 4.92 -2.23 2.70
CA ASP A 240 5.11 -2.79 1.36
C ASP A 240 6.38 -3.63 1.27
N VAL A 241 6.85 -4.17 2.40
CA VAL A 241 7.99 -5.08 2.36
C VAL A 241 7.54 -6.44 1.83
N THR A 242 8.51 -7.22 1.36
CA THR A 242 8.20 -8.56 0.90
C THR A 242 7.73 -9.44 2.06
N ALA A 243 8.40 -9.34 3.20
CA ALA A 243 8.00 -10.11 4.37
C ALA A 243 8.55 -9.42 5.61
N ILE A 244 7.98 -9.80 6.76
CA ILE A 244 8.48 -9.41 8.06
C ILE A 244 9.03 -10.65 8.72
N ILE A 245 10.29 -10.59 9.16
CA ILE A 245 10.94 -11.70 9.83
C ILE A 245 10.78 -11.48 11.33
N PHE A 246 9.96 -12.32 11.97
CA PHE A 246 9.68 -12.23 13.39
C PHE A 246 10.50 -13.30 14.10
N VAL A 247 11.31 -12.88 15.07
CA VAL A 247 12.21 -13.77 15.79
C VAL A 247 11.76 -13.81 17.25
N VAL A 248 11.63 -15.02 17.79
CA VAL A 248 11.19 -15.23 19.16
C VAL A 248 12.12 -16.23 19.82
N ALA A 249 12.35 -16.03 21.12
CA ALA A 249 13.07 -17.01 21.93
C ALA A 249 12.09 -18.07 22.40
N SER A 250 12.18 -19.27 21.81
CA SER A 250 11.24 -20.33 22.15
C SER A 250 11.40 -20.82 23.58
N SER A 251 12.54 -20.59 24.22
CA SER A 251 12.76 -20.94 25.62
C SER A 251 12.59 -19.73 26.53
N SER A 252 11.66 -18.83 26.20
CA SER A 252 11.52 -17.59 26.95
C SER A 252 11.08 -17.86 28.39
N TYR A 253 10.16 -18.79 28.59
CA TYR A 253 9.61 -19.05 29.91
C TYR A 253 10.69 -19.51 30.88
N ASN A 254 10.39 -19.38 32.17
CA ASN A 254 11.31 -19.72 33.25
C ASN A 254 12.64 -18.98 33.13
N ASN A 264 8.50 -15.63 31.86
CA ASN A 264 7.94 -15.82 30.53
C ASN A 264 7.74 -14.54 29.75
N ARG A 265 8.53 -14.40 28.69
CA ARG A 265 8.32 -13.37 27.69
C ARG A 265 7.63 -13.92 26.45
N LEU A 266 7.22 -15.20 26.49
CA LEU A 266 6.60 -15.81 25.33
C LEU A 266 5.21 -15.24 25.07
N GLN A 267 4.46 -14.93 26.13
CA GLN A 267 3.15 -14.31 25.96
C GLN A 267 3.27 -12.89 25.43
N ALA A 268 4.32 -12.17 25.84
CA ALA A 268 4.58 -10.86 25.27
C ALA A 268 4.90 -10.95 23.78
N ALA A 269 5.64 -12.00 23.39
CA ALA A 269 5.93 -12.22 21.98
C ALA A 269 4.67 -12.64 21.23
N LEU A 270 3.79 -13.41 21.87
CA LEU A 270 2.54 -13.80 21.22
C LEU A 270 1.68 -12.58 20.90
N LYS A 271 1.61 -11.63 21.83
CA LYS A 271 0.87 -10.40 21.58
C LYS A 271 1.55 -9.51 20.54
N LEU A 272 2.89 -9.52 20.52
CA LEU A 272 3.61 -8.79 19.49
C LEU A 272 3.25 -9.31 18.10
N PHE A 273 3.19 -10.65 17.95
CA PHE A 273 2.74 -11.23 16.70
C PHE A 273 1.28 -10.91 16.42
N ASP A 274 0.46 -10.80 17.47
CA ASP A 274 -0.94 -10.47 17.31
C ASP A 274 -1.12 -9.07 16.71
N SER A 275 -0.35 -8.09 17.19
CA SER A 275 -0.49 -6.72 16.71
C SER A 275 0.00 -6.58 15.27
N ILE A 276 1.08 -7.27 14.93
CA ILE A 276 1.59 -7.24 13.56
C ILE A 276 0.58 -7.86 12.60
N TRP A 277 0.02 -9.01 12.99
CA TRP A 277 -0.89 -9.74 12.11
C TRP A 277 -2.14 -8.93 11.80
N ASN A 278 -2.68 -8.24 12.79
CA ASN A 278 -3.97 -7.58 12.67
C ASN A 278 -3.85 -6.08 12.43
N ASN A 279 -2.65 -5.56 12.22
CA ASN A 279 -2.50 -4.15 11.89
C ASN A 279 -3.05 -3.86 10.51
N LYS A 280 -3.76 -2.73 10.39
CA LYS A 280 -4.50 -2.45 9.17
C LYS A 280 -3.58 -2.21 7.98
N TRP A 281 -2.38 -1.69 8.24
CA TRP A 281 -1.41 -1.42 7.18
C TRP A 281 -0.46 -2.58 6.93
N LEU A 282 -0.51 -3.64 7.74
CA LEU A 282 0.31 -4.83 7.54
C LEU A 282 -0.54 -6.05 7.21
N ARG A 283 -1.78 -5.85 6.74
CA ARG A 283 -2.67 -6.97 6.48
C ARG A 283 -2.20 -7.82 5.31
N ASP A 284 -1.48 -7.22 4.36
CA ASP A 284 -1.07 -7.92 3.16
C ASP A 284 0.35 -8.48 3.24
N THR A 285 1.02 -8.34 4.38
CA THR A 285 2.42 -8.69 4.48
C THR A 285 2.55 -10.03 5.20
N SER A 286 3.25 -10.97 4.57
CA SER A 286 3.49 -12.28 5.16
C SER A 286 4.61 -12.19 6.18
N VAL A 287 4.56 -13.09 7.15
CA VAL A 287 5.50 -13.08 8.27
C VAL A 287 6.29 -14.38 8.26
N ILE A 288 7.60 -14.27 8.18
CA ILE A 288 8.49 -15.41 8.38
C ILE A 288 8.82 -15.47 9.86
N LEU A 289 8.42 -16.55 10.52
CA LEU A 289 8.54 -16.69 11.95
C LEU A 289 9.70 -17.61 12.29
N PHE A 290 10.62 -17.13 13.12
CA PHE A 290 11.82 -17.89 13.46
C PHE A 290 11.84 -18.24 14.94
N LEU A 291 11.57 -19.50 15.28
CA LEU A 291 11.67 -19.94 16.67
C LEU A 291 13.16 -20.08 16.89
N ASN A 292 13.77 -19.10 17.55
CA ASN A 292 15.23 -19.10 17.65
C ASN A 292 16.00 -19.94 18.67
N LYS A 293 15.61 -19.94 19.93
CA LYS A 293 16.45 -20.63 20.91
C LYS A 293 16.03 -22.10 21.07
N GLN A 294 16.17 -22.85 19.97
CA GLN A 294 15.80 -24.26 19.99
C GLN A 294 16.77 -25.09 20.82
N ASP A 295 18.07 -24.78 20.75
CA ASP A 295 19.05 -25.51 21.53
C ASP A 295 18.85 -25.31 23.03
N LEU A 296 18.49 -24.08 23.44
CA LEU A 296 18.21 -23.83 24.84
C LEU A 296 16.86 -24.38 25.27
N LEU A 297 15.89 -24.44 24.36
CA LEU A 297 14.60 -25.06 24.68
C LEU A 297 14.77 -26.55 24.95
N ALA A 298 15.62 -27.22 24.17
CA ALA A 298 15.79 -28.66 24.32
C ALA A 298 16.32 -29.02 25.71
N GLU A 299 17.31 -28.28 26.20
CA GLU A 299 17.89 -28.60 27.48
C GLU A 299 16.98 -28.21 28.64
N LYS A 300 16.15 -27.19 28.45
CA LYS A 300 15.27 -26.73 29.53
C LYS A 300 14.20 -27.75 29.85
N VAL A 301 13.53 -28.28 28.82
CA VAL A 301 12.45 -29.24 29.05
C VAL A 301 13.02 -30.55 29.61
N LEU A 302 14.21 -30.94 29.15
CA LEU A 302 14.82 -32.17 29.65
C LEU A 302 15.23 -32.04 31.11
N ALA A 303 15.56 -30.83 31.55
CA ALA A 303 15.97 -30.63 32.94
C ALA A 303 14.84 -30.88 33.93
N GLY A 304 13.59 -30.89 33.48
CA GLY A 304 12.47 -31.15 34.34
C GLY A 304 11.97 -29.96 35.12
N LYS A 305 12.59 -28.79 34.98
CA LYS A 305 12.15 -27.58 35.66
C LYS A 305 11.44 -26.62 34.73
N SER A 306 11.02 -27.09 33.54
CA SER A 306 10.39 -26.20 32.57
C SER A 306 8.98 -25.82 33.00
N LYS A 307 8.09 -26.80 33.09
CA LYS A 307 6.71 -26.59 33.51
C LYS A 307 6.03 -25.50 32.67
N ILE A 308 5.88 -25.81 31.38
CA ILE A 308 5.20 -24.89 30.47
C ILE A 308 3.73 -24.72 30.82
N GLU A 309 3.18 -25.64 31.63
CA GLU A 309 1.75 -25.62 31.92
C GLU A 309 1.34 -24.46 32.82
N ASP A 310 2.26 -23.92 33.63
CA ASP A 310 1.87 -22.85 34.54
C ASP A 310 1.68 -21.52 33.80
N TYR A 311 2.38 -21.30 32.70
CA TYR A 311 2.13 -20.11 31.89
C TYR A 311 1.10 -20.36 30.82
N PHE A 312 1.02 -21.58 30.30
CA PHE A 312 0.05 -21.98 29.30
C PHE A 312 -0.65 -23.24 29.79
N PRO A 313 -1.80 -23.08 30.48
CA PRO A 313 -2.49 -24.26 31.01
C PRO A 313 -2.97 -25.22 29.94
N GLU A 314 -3.13 -24.77 28.70
CA GLU A 314 -3.59 -25.64 27.62
C GLU A 314 -2.54 -26.65 27.18
N PHE A 315 -1.30 -26.52 27.65
CA PHE A 315 -0.26 -27.48 27.29
C PHE A 315 -0.47 -28.83 27.94
N ALA A 316 -1.23 -28.88 29.04
CA ALA A 316 -1.46 -30.15 29.73
C ALA A 316 -2.25 -31.13 28.85
N ARG A 317 -3.23 -30.64 28.09
CA ARG A 317 -4.07 -31.47 27.26
C ARG A 317 -3.66 -31.44 25.79
N TYR A 318 -2.48 -30.92 25.49
CA TYR A 318 -1.99 -30.83 24.11
C TYR A 318 -1.29 -32.13 23.71
N THR A 319 -1.48 -32.53 22.46
CA THR A 319 -0.83 -33.71 21.91
C THR A 319 -0.11 -33.33 20.62
N THR A 320 1.02 -33.99 20.38
CA THR A 320 1.83 -33.69 19.20
C THR A 320 1.03 -33.95 17.93
N PRO A 321 1.04 -33.05 16.97
CA PRO A 321 0.29 -33.27 15.73
C PRO A 321 0.92 -34.37 14.90
N GLU A 322 0.07 -34.99 14.06
CA GLU A 322 0.54 -36.08 13.21
C GLU A 322 1.56 -35.61 12.19
N ASP A 323 1.35 -34.41 11.61
CA ASP A 323 2.27 -33.90 10.60
C ASP A 323 3.63 -33.51 11.17
N ALA A 324 3.77 -33.46 12.49
CA ALA A 324 5.03 -33.06 13.10
C ALA A 324 6.15 -34.00 12.70
N THR A 325 7.28 -33.44 12.29
CA THR A 325 8.44 -34.21 11.88
C THR A 325 9.62 -33.94 12.82
N PRO A 326 9.81 -34.75 13.85
CA PRO A 326 10.92 -34.53 14.77
C PRO A 326 12.25 -34.76 14.09
N GLU A 327 13.26 -34.01 14.55
CA GLU A 327 14.62 -34.25 14.10
C GLU A 327 15.12 -35.58 14.67
N PRO A 328 16.03 -36.25 13.97
CA PRO A 328 16.56 -37.52 14.48
C PRO A 328 17.27 -37.32 15.81
N GLY A 329 17.11 -38.30 16.69
CA GLY A 329 17.68 -38.23 18.03
C GLY A 329 17.09 -37.13 18.90
N GLU A 330 15.76 -37.00 18.90
CA GLU A 330 15.09 -35.97 19.68
C GLU A 330 14.08 -36.63 20.62
N ASP A 331 14.05 -36.14 21.86
CA ASP A 331 13.12 -36.67 22.84
C ASP A 331 11.69 -36.30 22.45
N PRO A 332 10.72 -37.20 22.67
CA PRO A 332 9.32 -36.84 22.40
C PRO A 332 8.83 -35.68 23.24
N ARG A 333 9.32 -35.52 24.47
CA ARG A 333 8.89 -34.40 25.31
C ARG A 333 9.31 -33.08 24.69
N VAL A 334 10.50 -33.03 24.08
CA VAL A 334 10.95 -31.82 23.41
C VAL A 334 10.08 -31.51 22.21
N THR A 335 9.65 -32.56 21.49
CA THR A 335 8.90 -32.35 20.25
C THR A 335 7.55 -31.69 20.50
N ARG A 336 6.84 -32.11 21.55
CA ARG A 336 5.54 -31.49 21.81
C ARG A 336 5.70 -30.11 22.41
N ALA A 337 6.72 -29.91 23.25
CA ALA A 337 7.02 -28.57 23.75
C ALA A 337 7.41 -27.64 22.60
N LYS A 338 8.23 -28.14 21.68
CA LYS A 338 8.64 -27.34 20.53
C LYS A 338 7.46 -27.02 19.63
N TYR A 339 6.58 -27.99 19.41
CA TYR A 339 5.46 -27.81 18.49
C TYR A 339 4.27 -27.12 19.13
N PHE A 340 4.12 -27.19 20.44
CA PHE A 340 3.06 -26.45 21.11
C PHE A 340 3.24 -24.96 20.93
N ILE A 341 4.48 -24.47 21.06
CA ILE A 341 4.77 -23.05 20.91
C ILE A 341 4.45 -22.60 19.49
N ARG A 342 4.79 -23.41 18.49
CA ARG A 342 4.50 -23.06 17.11
C ARG A 342 2.99 -22.95 16.88
N ASP A 343 2.22 -23.84 17.51
CA ASP A 343 0.77 -23.81 17.31
C ASP A 343 0.13 -22.62 18.01
N GLU A 344 0.76 -22.11 19.07
CA GLU A 344 0.30 -20.86 19.68
C GLU A 344 0.41 -19.70 18.71
N PHE A 345 1.50 -19.65 17.95
CA PHE A 345 1.64 -18.60 16.95
C PHE A 345 0.79 -18.88 15.73
N LEU A 346 0.52 -20.14 15.43
CA LEU A 346 -0.24 -20.48 14.23
C LEU A 346 -1.73 -20.24 14.40
N ARG A 347 -2.26 -20.37 15.63
CA ARG A 347 -3.69 -20.10 15.81
C ARG A 347 -4.01 -18.62 15.65
N ILE A 348 -3.07 -17.74 16.03
CA ILE A 348 -3.23 -16.32 15.72
C ILE A 348 -3.20 -16.10 14.22
N SER A 349 -2.27 -16.76 13.52
CA SER A 349 -2.13 -16.60 12.08
C SER A 349 -3.36 -17.13 11.34
N THR A 350 -3.85 -18.31 11.74
CA THR A 350 -4.99 -18.90 11.04
C THR A 350 -6.24 -18.05 11.20
N ALA A 351 -6.46 -17.49 12.38
CA ALA A 351 -7.56 -16.56 12.57
C ALA A 351 -7.25 -15.25 11.86
N SER A 352 -8.22 -14.76 11.07
CA SER A 352 -8.16 -13.49 10.36
C SER A 352 -7.11 -13.45 9.27
N GLY A 353 -6.47 -14.58 8.94
CA GLY A 353 -5.55 -14.58 7.81
C GLY A 353 -6.23 -14.30 6.50
N ASP A 354 -7.36 -14.97 6.25
CA ASP A 354 -8.23 -14.78 5.10
C ASP A 354 -7.53 -15.02 3.76
N GLY A 355 -6.35 -15.64 3.78
CA GLY A 355 -5.67 -16.01 2.55
C GLY A 355 -4.91 -14.89 1.86
N ARG A 356 -4.95 -13.67 2.40
CA ARG A 356 -4.23 -12.56 1.78
C ARG A 356 -2.78 -12.46 2.22
N HIS A 357 -2.41 -13.15 3.30
CA HIS A 357 -1.02 -13.23 3.76
C HIS A 357 -0.91 -14.44 4.67
N TYR A 358 0.31 -14.93 4.81
CA TYR A 358 0.56 -16.19 5.50
C TYR A 358 1.72 -16.06 6.46
N CYS A 359 1.90 -17.09 7.26
CA CYS A 359 2.98 -17.16 8.25
C CYS A 359 3.80 -18.41 7.97
N TYR A 360 5.12 -18.26 7.92
CA TYR A 360 6.03 -19.37 7.65
C TYR A 360 6.88 -19.62 8.88
N PRO A 361 6.55 -20.60 9.73
CA PRO A 361 7.34 -20.86 10.93
C PRO A 361 8.53 -21.76 10.67
N HIS A 362 9.64 -21.45 11.32
CA HIS A 362 10.87 -22.23 11.22
C HIS A 362 11.47 -22.42 12.60
N PHE A 363 12.00 -23.62 12.84
CA PHE A 363 12.74 -23.91 14.08
C PHE A 363 14.21 -23.64 13.80
N THR A 364 14.68 -22.46 14.21
CA THR A 364 16.03 -22.03 13.93
C THR A 364 16.91 -22.23 15.16
N CYS A 365 18.18 -21.90 15.03
CA CYS A 365 19.12 -21.90 16.14
C CYS A 365 19.96 -20.64 16.07
N ALA A 366 20.91 -20.52 16.99
CA ALA A 366 21.74 -19.33 17.05
C ALA A 366 22.60 -19.18 15.80
N VAL A 367 23.20 -20.28 15.35
CA VAL A 367 24.23 -20.21 14.31
C VAL A 367 23.88 -21.09 13.12
N ASP A 368 22.60 -21.26 12.83
CA ASP A 368 22.21 -22.02 11.65
C ASP A 368 22.68 -21.32 10.38
N THR A 369 23.34 -22.08 9.52
CA THR A 369 23.84 -21.53 8.26
C THR A 369 22.71 -21.37 7.24
N GLU A 370 21.68 -22.20 7.31
CA GLU A 370 20.61 -22.25 6.32
C GLU A 370 19.55 -21.19 6.52
N ASN A 371 19.78 -20.20 7.39
CA ASN A 371 18.78 -19.17 7.62
C ASN A 371 18.62 -18.22 6.45
N ILE A 372 19.65 -18.07 5.62
CA ILE A 372 19.51 -17.28 4.40
C ILE A 372 18.62 -18.00 3.39
N ARG A 373 18.80 -19.31 3.25
CA ARG A 373 18.01 -20.07 2.30
C ARG A 373 16.54 -20.11 2.71
N ARG A 374 16.26 -20.20 4.01
CA ARG A 374 14.88 -20.23 4.48
C ARG A 374 14.14 -18.95 4.13
N VAL A 375 14.81 -17.79 4.30
CA VAL A 375 14.20 -16.54 3.90
C VAL A 375 14.02 -16.48 2.39
N PHE A 376 15.01 -16.99 1.65
CA PHE A 376 14.90 -17.03 0.19
C PHE A 376 13.76 -17.94 -0.25
N ASN A 377 13.62 -19.12 0.37
CA ASN A 377 12.59 -20.06 -0.04
C ASN A 377 11.20 -19.54 0.27
N ASP A 378 11.04 -18.87 1.41
CA ASP A 378 9.73 -18.32 1.76
C ASP A 378 9.38 -17.11 0.92
N CYS A 379 10.40 -16.35 0.48
CA CYS A 379 10.14 -15.21 -0.39
C CYS A 379 9.71 -15.63 -1.78
N ARG A 380 10.22 -16.78 -2.26
CA ARG A 380 9.74 -17.33 -3.53
C ARG A 380 8.26 -17.69 -3.43
N ASP A 381 7.87 -18.33 -2.34
CA ASP A 381 6.47 -18.71 -2.15
C ASP A 381 5.58 -17.48 -2.05
N ILE A 382 6.04 -16.44 -1.36
CA ILE A 382 5.26 -15.22 -1.22
C ILE A 382 5.07 -14.55 -2.58
N ILE A 383 6.15 -14.46 -3.36
CA ILE A 383 6.09 -13.78 -4.65
C ILE A 383 5.26 -14.58 -5.64
N GLN A 384 5.43 -15.91 -5.65
CA GLN A 384 4.65 -16.75 -6.55
C GLN A 384 3.16 -16.68 -6.21
N ARG A 385 2.82 -16.69 -4.92
CA ARG A 385 1.42 -16.56 -4.52
C ARG A 385 0.84 -15.22 -4.93
N MET A 386 1.68 -14.19 -5.01
CA MET A 386 1.20 -12.87 -5.40
C MET A 386 0.90 -12.82 -6.89
N HIS A 387 1.77 -13.39 -7.72
CA HIS A 387 1.52 -13.43 -9.15
C HIS A 387 0.34 -14.33 -9.50
N LEU A 388 0.20 -15.46 -8.82
CA LEU A 388 -0.93 -16.34 -9.06
C LEU A 388 -2.24 -15.66 -8.69
N ARG A 389 -2.24 -14.85 -7.63
CA ARG A 389 -3.42 -14.10 -7.26
C ARG A 389 -3.80 -13.09 -8.33
N GLN A 390 -2.80 -12.44 -8.95
CA GLN A 390 -3.07 -11.47 -10.00
C GLN A 390 -3.73 -12.11 -11.21
N TYR A 391 -3.50 -13.41 -11.43
CA TYR A 391 -4.12 -14.15 -12.51
C TYR A 391 -5.35 -14.92 -12.08
N GLU A 392 -5.79 -14.77 -10.83
CA GLU A 392 -6.88 -15.55 -10.26
C GLU A 392 -6.67 -17.04 -10.48
N LEU A 393 -5.42 -17.49 -10.36
CA LEU A 393 -5.12 -18.91 -10.27
C LEU A 393 -5.08 -19.40 -8.84
N LEU A 394 -5.14 -18.50 -7.87
CA LEU A 394 -5.29 -18.86 -6.46
C LEU A 394 -6.39 -18.01 -5.83
N GLU B 8 6.48 14.52 48.06
CA GLU B 8 5.75 13.28 47.80
C GLU B 8 5.10 13.30 46.42
N LEU B 9 5.04 12.13 45.79
CA LEU B 9 4.42 12.03 44.47
C LEU B 9 2.91 12.24 44.54
N ASP B 10 2.26 11.77 45.61
CA ASP B 10 0.81 11.87 45.70
C ASP B 10 0.36 13.31 45.78
N GLN B 11 0.96 14.10 46.69
CA GLN B 11 0.55 15.48 46.85
C GLN B 11 0.78 16.28 45.56
N LEU B 12 1.86 15.94 44.85
CA LEU B 12 2.08 16.53 43.53
C LEU B 12 0.99 16.12 42.56
N ARG B 13 0.48 14.89 42.69
CA ARG B 13 -0.65 14.47 41.85
C ARG B 13 -1.87 15.34 42.09
N GLN B 14 -2.26 15.53 43.36
CA GLN B 14 -3.42 16.39 43.62
C GLN B 14 -3.15 17.84 43.21
N GLU B 15 -1.91 18.31 43.38
CA GLU B 15 -1.61 19.68 42.97
C GLU B 15 -1.77 19.86 41.47
N ALA B 16 -1.25 18.92 40.68
CA ALA B 16 -1.41 18.98 39.23
C ALA B 16 -2.88 18.87 38.84
N GLU B 17 -3.64 18.00 39.51
CA GLU B 17 -5.05 17.88 39.22
C GLU B 17 -5.80 19.18 39.51
N GLN B 18 -5.45 19.85 40.62
CA GLN B 18 -6.10 21.11 40.96
C GLN B 18 -5.74 22.20 39.97
N LEU B 19 -4.49 22.24 39.52
CA LEU B 19 -4.09 23.20 38.50
C LEU B 19 -4.86 22.97 37.20
N LYS B 20 -5.00 21.70 36.80
CA LYS B 20 -5.79 21.39 35.62
C LYS B 20 -7.25 21.80 35.80
N ASN B 21 -7.80 21.56 36.99
CA ASN B 21 -9.18 21.94 37.27
C ASN B 21 -9.38 23.44 37.15
N GLN B 22 -8.46 24.23 37.71
CA GLN B 22 -8.62 25.68 37.64
C GLN B 22 -8.41 26.20 36.23
N ILE B 23 -7.50 25.58 35.46
CA ILE B 23 -7.34 25.96 34.06
C ILE B 23 -8.62 25.68 33.28
N ARG B 24 -9.23 24.51 33.53
CA ARG B 24 -10.49 24.18 32.86
C ARG B 24 -11.59 25.15 33.26
N ASP B 25 -11.64 25.53 34.53
CA ASP B 25 -12.66 26.48 34.99
C ASP B 25 -12.47 27.84 34.32
N ALA B 26 -11.23 28.31 34.21
CA ALA B 26 -10.98 29.58 33.53
C ALA B 26 -11.37 29.50 32.06
N ARG B 27 -11.05 28.38 31.40
CA ARG B 27 -11.41 28.20 30.01
C ARG B 27 -12.93 28.19 29.82
N LYS B 28 -13.64 27.52 30.72
CA LYS B 28 -15.10 27.51 30.66
C LYS B 28 -15.67 28.90 30.88
N ALA B 29 -15.07 29.66 31.80
CA ALA B 29 -15.51 31.03 32.03
C ALA B 29 -15.31 31.89 30.79
N CYS B 30 -14.19 31.71 30.09
CA CYS B 30 -13.94 32.47 28.87
C CYS B 30 -14.83 32.03 27.72
N ALA B 31 -15.41 30.84 27.78
CA ALA B 31 -16.22 30.29 26.68
C ALA B 31 -17.67 30.73 26.86
N ASP B 32 -17.94 31.97 26.42
CA ASP B 32 -19.30 32.50 26.50
C ASP B 32 -20.19 31.90 25.43
N ALA B 33 -19.67 31.70 24.22
CA ALA B 33 -20.46 31.20 23.11
C ALA B 33 -19.56 30.43 22.16
N THR B 34 -20.19 29.62 21.30
CA THR B 34 -19.48 28.80 20.34
C THR B 34 -19.30 29.54 19.02
N LEU B 35 -18.23 29.18 18.29
CA LEU B 35 -17.99 29.77 16.99
C LEU B 35 -19.12 29.45 16.01
N SER B 36 -19.74 28.28 16.15
CA SER B 36 -20.85 27.92 15.29
C SER B 36 -22.03 28.87 15.49
N GLN B 37 -22.30 29.25 16.74
CA GLN B 37 -23.39 30.18 17.00
C GLN B 37 -23.15 31.53 16.34
N ILE B 38 -21.91 32.04 16.42
CA ILE B 38 -21.60 33.34 15.83
C ILE B 38 -21.64 33.25 14.31
N THR B 39 -21.20 32.13 13.74
CA THR B 39 -21.16 31.98 12.29
C THR B 39 -22.44 31.43 11.70
N ASN B 40 -23.47 31.17 12.52
CA ASN B 40 -24.74 30.72 11.98
C ASN B 40 -25.33 31.71 10.98
N ASN B 41 -24.97 32.99 11.10
CA ASN B 41 -25.46 34.02 10.20
C ASN B 41 -24.43 34.38 9.13
N ILE B 42 -23.65 33.41 8.66
CA ILE B 42 -22.68 33.64 7.60
C ILE B 42 -23.10 32.83 6.38
N ASP B 43 -22.64 33.27 5.22
CA ASP B 43 -23.01 32.63 3.96
C ASP B 43 -22.20 31.36 3.77
N PRO B 44 -22.82 30.20 3.61
CA PRO B 44 -22.06 28.98 3.29
C PRO B 44 -21.35 29.12 1.96
N VAL B 45 -20.20 28.44 1.85
CA VAL B 45 -19.39 28.52 0.64
C VAL B 45 -19.96 27.67 -0.50
N GLY B 46 -21.03 26.93 -0.25
CA GLY B 46 -21.58 26.08 -1.29
C GLY B 46 -20.76 24.81 -1.46
N ARG B 47 -20.71 24.32 -2.70
CA ARG B 47 -19.98 23.12 -3.04
C ARG B 47 -18.68 23.53 -3.75
N ILE B 48 -17.55 23.07 -3.22
CA ILE B 48 -16.26 23.35 -3.82
C ILE B 48 -15.93 22.24 -4.80
N GLN B 49 -15.69 22.61 -6.05
CA GLN B 49 -15.35 21.66 -7.11
C GLN B 49 -13.92 21.92 -7.53
N MET B 50 -13.09 20.88 -7.49
CA MET B 50 -11.72 20.95 -7.95
C MET B 50 -11.43 19.75 -8.83
N ARG B 51 -10.55 19.94 -9.81
CA ARG B 51 -10.17 18.90 -10.74
C ARG B 51 -8.66 18.71 -10.72
N THR B 52 -8.24 17.48 -10.97
CA THR B 52 -6.81 17.17 -11.02
C THR B 52 -6.24 17.80 -12.29
N ARG B 53 -5.60 18.96 -12.13
CA ARG B 53 -4.98 19.61 -13.28
C ARG B 53 -3.71 18.90 -13.70
N ARG B 54 -2.91 18.44 -12.74
CA ARG B 54 -1.67 17.75 -13.05
C ARG B 54 -1.56 16.46 -12.26
N THR B 55 -0.90 15.47 -12.85
CA THR B 55 -0.54 14.23 -12.16
C THR B 55 0.95 14.01 -12.34
N LEU B 56 1.72 14.30 -11.30
CA LEU B 56 3.16 14.10 -11.29
C LEU B 56 3.46 12.64 -10.99
N ARG B 57 4.12 11.98 -11.94
CA ARG B 57 4.49 10.58 -11.86
C ARG B 57 6.00 10.43 -11.98
N GLY B 58 6.54 9.38 -11.37
CA GLY B 58 7.97 9.16 -11.37
C GLY B 58 8.50 8.55 -10.10
N HIS B 59 7.75 8.66 -9.01
CA HIS B 59 8.11 7.99 -7.77
C HIS B 59 7.75 6.50 -7.86
N LEU B 60 8.57 5.67 -7.23
CA LEU B 60 8.40 4.22 -7.30
C LEU B 60 7.72 3.64 -6.07
N ALA B 61 7.61 4.39 -4.99
CA ALA B 61 7.04 3.86 -3.75
C ALA B 61 6.18 4.94 -3.11
N LYS B 62 5.80 4.72 -1.85
CA LYS B 62 4.95 5.65 -1.14
C LYS B 62 5.59 7.03 -1.07
N ILE B 63 4.75 8.06 -1.20
CA ILE B 63 5.14 9.43 -0.91
C ILE B 63 4.75 9.73 0.51
N TYR B 64 5.71 10.15 1.34
CA TYR B 64 5.38 10.62 2.68
C TYR B 64 5.24 12.11 2.81
N ALA B 65 6.02 12.88 2.06
CA ALA B 65 6.07 14.31 2.29
C ALA B 65 6.16 15.05 0.97
N MET B 66 5.47 16.18 0.91
CA MET B 66 5.70 17.18 -0.11
C MET B 66 5.81 18.54 0.57
N HIS B 67 6.34 19.51 -0.16
CA HIS B 67 6.40 20.89 0.35
C HIS B 67 6.50 21.82 -0.84
N TRP B 68 5.59 22.78 -0.92
CA TRP B 68 5.64 23.77 -1.98
C TRP B 68 6.80 24.73 -1.76
N GLY B 69 7.32 25.25 -2.87
CA GLY B 69 8.25 26.35 -2.79
C GLY B 69 7.54 27.67 -2.51
N THR B 70 8.32 28.67 -2.11
CA THR B 70 7.74 29.98 -1.88
C THR B 70 7.33 30.68 -3.17
N ASP B 71 7.79 30.20 -4.32
CA ASP B 71 7.38 30.74 -5.61
C ASP B 71 6.09 30.12 -6.11
N SER B 72 5.53 29.15 -5.40
CA SER B 72 4.30 28.46 -5.76
C SER B 72 4.40 27.73 -7.09
N ARG B 73 5.61 27.51 -7.57
CA ARG B 73 5.86 26.87 -8.86
C ARG B 73 6.59 25.55 -8.70
N LEU B 74 7.70 25.53 -7.98
CA LEU B 74 8.45 24.30 -7.72
C LEU B 74 7.96 23.65 -6.44
N LEU B 75 8.10 22.33 -6.37
CA LEU B 75 7.73 21.61 -5.16
C LEU B 75 8.58 20.36 -5.00
N VAL B 76 8.93 20.05 -3.75
CA VAL B 76 9.76 18.89 -3.41
C VAL B 76 8.86 17.77 -2.91
N SER B 77 9.21 16.53 -3.27
CA SER B 77 8.44 15.36 -2.86
C SER B 77 9.39 14.28 -2.38
N ALA B 78 9.04 13.64 -1.27
CA ALA B 78 9.88 12.61 -0.65
C ALA B 78 9.19 11.26 -0.70
N SER B 79 9.90 10.27 -1.24
CA SER B 79 9.33 8.94 -1.45
C SER B 79 10.23 7.85 -0.88
N GLN B 80 9.55 6.79 -0.40
CA GLN B 80 10.10 5.63 0.30
C GLN B 80 10.79 4.69 -0.66
N ASP B 81 11.55 5.24 -1.57
CA ASP B 81 12.44 4.52 -2.46
C ASP B 81 13.78 5.23 -2.47
N GLY B 82 14.03 6.04 -1.44
CA GLY B 82 15.18 6.90 -1.35
C GLY B 82 15.18 8.01 -2.37
N LYS B 83 14.03 8.61 -2.65
CA LYS B 83 14.02 9.65 -3.68
C LYS B 83 13.44 10.96 -3.16
N LEU B 84 14.06 12.05 -3.60
CA LEU B 84 13.61 13.39 -3.26
C LEU B 84 13.56 14.16 -4.58
N ILE B 85 12.37 14.36 -5.14
CA ILE B 85 12.22 14.89 -6.49
C ILE B 85 11.71 16.33 -6.41
N ILE B 86 12.38 17.23 -7.10
CA ILE B 86 11.89 18.58 -7.34
C ILE B 86 11.10 18.58 -8.64
N TRP B 87 9.89 19.10 -8.60
CA TRP B 87 9.04 19.19 -9.77
C TRP B 87 8.73 20.64 -10.09
N ASP B 88 8.69 20.93 -11.39
CA ASP B 88 8.05 22.14 -11.91
C ASP B 88 6.58 21.81 -12.12
N SER B 89 5.71 22.37 -11.28
CA SER B 89 4.31 21.98 -11.32
C SER B 89 3.61 22.46 -12.58
N TYR B 90 4.04 23.58 -13.14
CA TYR B 90 3.35 24.12 -14.32
C TYR B 90 3.47 23.18 -15.51
N THR B 91 4.65 22.62 -15.74
CA THR B 91 4.92 21.80 -16.91
C THR B 91 5.13 20.33 -16.58
N THR B 92 4.96 19.93 -15.32
CA THR B 92 5.27 18.60 -14.81
C THR B 92 6.73 18.22 -14.99
N ASN B 93 7.58 19.17 -15.36
CA ASN B 93 9.00 18.90 -15.52
C ASN B 93 9.67 18.62 -14.18
N LYS B 94 10.55 17.62 -14.17
CA LYS B 94 11.38 17.34 -13.01
C LYS B 94 12.66 18.16 -13.10
N VAL B 95 12.96 18.91 -12.04
CA VAL B 95 14.15 19.74 -12.01
C VAL B 95 15.33 19.00 -11.40
N HIS B 96 15.13 18.34 -10.26
CA HIS B 96 16.16 17.58 -9.58
C HIS B 96 15.60 16.25 -9.12
N ALA B 97 16.47 15.25 -9.01
CA ALA B 97 16.13 13.95 -8.44
C ALA B 97 17.28 13.54 -7.53
N ILE B 98 17.15 13.86 -6.25
CA ILE B 98 18.21 13.63 -5.28
C ILE B 98 18.04 12.23 -4.69
N PRO B 99 19.03 11.35 -4.81
CA PRO B 99 18.97 10.05 -4.14
C PRO B 99 19.39 10.20 -2.68
N LEU B 100 18.62 9.60 -1.79
CA LEU B 100 18.86 9.70 -0.36
C LEU B 100 19.62 8.48 0.14
N ARG B 101 20.50 8.70 1.12
CA ARG B 101 21.28 7.61 1.68
C ARG B 101 20.39 6.58 2.38
N SER B 102 19.39 7.06 3.12
CA SER B 102 18.41 6.19 3.76
C SER B 102 17.08 6.34 3.02
N SER B 103 16.47 5.22 2.68
CA SER B 103 15.25 5.23 1.88
C SER B 103 13.99 5.40 2.71
N TRP B 104 14.10 5.49 4.03
CA TRP B 104 12.93 5.65 4.90
C TRP B 104 12.82 7.12 5.30
N VAL B 105 12.33 7.92 4.37
CA VAL B 105 12.23 9.37 4.55
C VAL B 105 10.79 9.74 4.85
N MET B 106 10.55 10.30 6.03
CA MET B 106 9.21 10.63 6.47
C MET B 106 8.86 12.10 6.28
N THR B 107 9.84 12.96 6.05
CA THR B 107 9.59 14.39 5.97
C THR B 107 10.54 15.03 4.97
N CYS B 108 10.10 16.14 4.39
CA CYS B 108 10.95 16.94 3.52
C CYS B 108 10.52 18.40 3.64
N ALA B 109 11.49 19.29 3.53
CA ALA B 109 11.27 20.72 3.62
C ALA B 109 11.97 21.41 2.45
N TYR B 110 11.49 22.59 2.11
CA TYR B 110 12.08 23.39 1.05
C TYR B 110 12.39 24.75 1.65
N ALA B 111 13.64 25.20 1.52
CA ALA B 111 14.03 26.44 2.15
C ALA B 111 13.28 27.62 1.53
N PRO B 112 12.91 28.61 2.32
CA PRO B 112 12.19 29.78 1.75
C PRO B 112 12.98 30.50 0.68
N SER B 113 14.30 30.51 0.77
CA SER B 113 15.11 31.12 -0.29
C SER B 113 15.15 30.26 -1.54
N GLY B 114 14.88 28.97 -1.42
CA GLY B 114 14.91 28.06 -2.56
C GLY B 114 16.25 27.40 -2.81
N ASN B 115 17.27 27.75 -2.03
CA ASN B 115 18.62 27.22 -2.26
C ASN B 115 18.84 25.86 -1.61
N TYR B 116 17.96 25.43 -0.71
CA TYR B 116 18.18 24.19 0.03
C TYR B 116 16.91 23.38 0.12
N VAL B 117 17.09 22.08 0.30
CA VAL B 117 16.01 21.19 0.72
C VAL B 117 16.49 20.43 1.94
N ALA B 118 15.54 19.88 2.68
CA ALA B 118 15.85 19.06 3.85
C ALA B 118 15.02 17.79 3.79
N CYS B 119 15.54 16.74 4.42
CA CYS B 119 14.82 15.48 4.49
C CYS B 119 15.27 14.75 5.76
N GLY B 120 14.50 13.75 6.14
CA GLY B 120 14.82 12.98 7.33
C GLY B 120 13.77 11.91 7.54
N GLY B 121 14.06 11.02 8.48
CA GLY B 121 13.17 9.91 8.70
C GLY B 121 13.66 8.93 9.74
N LEU B 122 13.62 7.64 9.41
CA LEU B 122 13.98 6.58 10.36
C LEU B 122 15.45 6.54 10.71
N ASP B 123 16.31 7.29 10.00
CA ASP B 123 17.72 7.32 10.33
C ASP B 123 18.07 8.28 11.47
N ASN B 124 17.10 9.06 11.93
CA ASN B 124 17.26 10.07 12.99
C ASN B 124 18.16 11.22 12.57
N ILE B 125 18.34 11.42 11.26
CA ILE B 125 19.24 12.43 10.73
C ILE B 125 18.43 13.39 9.87
N CYS B 126 18.75 14.69 9.96
CA CYS B 126 18.18 15.68 9.05
C CYS B 126 19.25 16.06 8.03
N SER B 127 19.03 15.67 6.78
CA SER B 127 19.97 15.96 5.70
C SER B 127 19.55 17.25 5.01
N ILE B 128 20.51 18.16 4.86
CA ILE B 128 20.34 19.44 4.18
C ILE B 128 21.11 19.37 2.87
N TYR B 129 20.40 19.56 1.77
CA TYR B 129 20.96 19.51 0.42
C TYR B 129 21.00 20.91 -0.17
N ASN B 130 22.14 21.27 -0.72
CA ASN B 130 22.33 22.53 -1.45
C ASN B 130 21.90 22.33 -2.89
N LEU B 131 20.98 23.16 -3.36
CA LEU B 131 20.49 23.08 -4.73
C LEU B 131 21.21 24.01 -5.69
N LYS B 132 21.95 24.98 -5.18
CA LYS B 132 22.58 26.02 -5.98
C LYS B 132 24.11 25.90 -5.95
N THR B 133 24.62 24.68 -6.06
CA THR B 133 26.06 24.50 -6.10
C THR B 133 26.64 25.09 -7.38
N ARG B 134 27.90 25.52 -7.30
CA ARG B 134 28.53 26.16 -8.45
C ARG B 134 28.64 25.21 -9.63
N GLU B 135 28.95 23.94 -9.37
CA GLU B 135 29.01 22.95 -10.44
C GLU B 135 27.64 22.64 -11.02
N GLY B 136 26.57 22.86 -10.26
CA GLY B 136 25.22 22.60 -10.72
C GLY B 136 24.60 21.33 -10.19
N ASN B 137 25.39 20.44 -9.58
CA ASN B 137 24.87 19.22 -9.01
C ASN B 137 24.27 19.51 -7.62
N VAL B 138 23.67 18.50 -7.01
CA VAL B 138 23.09 18.60 -5.69
C VAL B 138 23.88 17.68 -4.77
N ARG B 139 24.43 18.26 -3.70
CA ARG B 139 25.25 17.52 -2.76
C ARG B 139 24.75 17.75 -1.34
N VAL B 140 25.08 16.80 -0.46
CA VAL B 140 24.67 16.90 0.94
C VAL B 140 25.49 18.01 1.58
N SER B 141 24.85 19.16 1.81
CA SER B 141 25.57 20.27 2.44
C SER B 141 25.74 20.07 3.93
N ARG B 142 24.79 19.38 4.58
CA ARG B 142 24.87 19.26 6.03
C ARG B 142 24.09 18.03 6.49
N GLU B 143 24.49 17.48 7.62
CA GLU B 143 23.78 16.38 8.27
C GLU B 143 23.65 16.69 9.75
N LEU B 144 22.42 16.76 10.23
CA LEU B 144 22.13 17.08 11.62
C LEU B 144 21.78 15.80 12.37
N ALA B 145 22.58 15.48 13.39
CA ALA B 145 22.43 14.29 14.20
C ALA B 145 22.32 14.69 15.67
N GLY B 146 21.60 13.88 16.44
CA GLY B 146 21.39 14.17 17.84
C GLY B 146 20.02 13.78 18.33
N HIS B 147 19.04 13.73 17.44
CA HIS B 147 17.74 13.17 17.80
C HIS B 147 17.88 11.68 18.05
N THR B 148 17.25 11.20 19.12
CA THR B 148 17.29 9.78 19.47
C THR B 148 16.07 9.03 18.98
N GLY B 149 15.20 9.68 18.21
CA GLY B 149 14.09 9.04 17.56
C GLY B 149 13.96 9.55 16.14
N TYR B 150 13.08 8.91 15.37
CA TYR B 150 12.96 9.22 13.96
C TYR B 150 12.50 10.66 13.75
N LEU B 151 12.92 11.25 12.63
CA LEU B 151 12.47 12.58 12.23
C LEU B 151 11.10 12.49 11.58
N SER B 152 10.13 13.22 12.12
CA SER B 152 8.78 13.22 11.59
C SER B 152 8.44 14.49 10.82
N CYS B 153 9.06 15.62 11.15
CA CYS B 153 8.79 16.87 10.46
C CYS B 153 10.00 17.78 10.59
N CYS B 154 10.14 18.71 9.64
CA CYS B 154 11.20 19.70 9.66
C CYS B 154 10.75 20.88 8.82
N ARG B 155 11.04 22.08 9.30
CA ARG B 155 10.70 23.31 8.59
C ARG B 155 11.85 24.29 8.74
N PHE B 156 12.33 24.85 7.63
CA PHE B 156 13.35 25.88 7.68
C PHE B 156 12.76 27.16 8.25
N LEU B 157 13.43 27.73 9.26
CA LEU B 157 13.16 29.12 9.60
C LEU B 157 13.78 30.05 8.59
N ASP B 158 15.02 29.76 8.18
CA ASP B 158 15.73 30.49 7.15
C ASP B 158 16.82 29.57 6.61
N ASP B 159 17.78 30.14 5.88
CA ASP B 159 18.86 29.33 5.32
C ASP B 159 19.76 28.72 6.39
N ASN B 160 19.80 29.29 7.59
CA ASN B 160 20.74 28.85 8.61
C ASN B 160 20.10 28.19 9.82
N GLN B 161 18.79 28.31 10.00
CA GLN B 161 18.11 27.72 11.14
C GLN B 161 17.01 26.78 10.65
N ILE B 162 16.88 25.64 11.32
CA ILE B 162 15.82 24.69 11.00
C ILE B 162 15.30 24.07 12.29
N VAL B 163 13.99 23.86 12.37
CA VAL B 163 13.36 23.22 13.52
C VAL B 163 12.86 21.85 13.10
N THR B 164 13.10 20.86 13.94
CA THR B 164 12.80 19.47 13.64
C THR B 164 11.96 18.87 14.76
N SER B 165 11.15 17.89 14.37
CA SER B 165 10.26 17.15 15.26
C SER B 165 10.70 15.69 15.27
N SER B 166 10.81 15.09 16.45
CA SER B 166 11.35 13.74 16.52
C SER B 166 10.41 12.81 17.28
N GLY B 167 10.59 11.52 17.03
CA GLY B 167 9.96 10.45 17.77
C GLY B 167 10.56 10.19 19.13
N ASP B 168 11.57 10.96 19.54
CA ASP B 168 12.08 10.92 20.90
C ASP B 168 11.33 11.87 21.83
N THR B 169 10.12 12.28 21.43
CA THR B 169 9.23 13.18 22.16
C THR B 169 9.79 14.59 22.31
N THR B 170 10.68 15.02 21.41
CA THR B 170 11.28 16.34 21.51
C THR B 170 11.30 17.03 20.15
N CYS B 171 11.34 18.36 20.22
CA CYS B 171 11.64 19.19 19.07
C CYS B 171 13.01 19.84 19.27
N ALA B 172 13.65 20.20 18.17
CA ALA B 172 14.97 20.81 18.26
C ALA B 172 15.06 21.96 17.27
N LEU B 173 15.86 22.97 17.64
CA LEU B 173 16.21 24.06 16.75
C LEU B 173 17.71 23.99 16.49
N TRP B 174 18.08 23.88 15.23
CA TRP B 174 19.45 23.68 14.79
C TRP B 174 19.95 24.89 14.03
N ASP B 175 21.17 25.32 14.37
CA ASP B 175 21.96 26.22 13.53
C ASP B 175 22.66 25.37 12.49
N ILE B 176 22.33 25.58 11.21
CA ILE B 176 22.78 24.67 10.16
C ILE B 176 24.28 24.79 9.94
N GLU B 177 24.82 26.01 10.04
CA GLU B 177 26.24 26.21 9.75
C GLU B 177 27.13 25.42 10.70
N THR B 178 26.82 25.43 11.99
CA THR B 178 27.61 24.68 12.96
C THR B 178 27.10 23.27 13.18
N GLY B 179 25.88 22.96 12.74
CA GLY B 179 25.35 21.63 12.88
C GLY B 179 25.00 21.23 14.31
N GLN B 180 24.77 22.20 15.19
CA GLN B 180 24.53 21.93 16.60
C GLN B 180 23.12 22.36 16.97
N GLN B 181 22.55 21.65 17.95
CA GLN B 181 21.22 21.97 18.44
C GLN B 181 21.28 23.26 19.24
N THR B 182 20.80 24.35 18.63
CA THR B 182 20.72 25.61 19.36
C THR B 182 19.74 25.52 20.52
N THR B 183 18.59 24.89 20.30
CA THR B 183 17.55 24.84 21.32
C THR B 183 16.90 23.46 21.32
N THR B 184 16.37 23.07 22.48
CA THR B 184 15.61 21.84 22.62
C THR B 184 14.29 22.15 23.30
N PHE B 185 13.20 21.65 22.72
CA PHE B 185 11.85 21.85 23.22
C PHE B 185 11.31 20.52 23.70
N THR B 186 11.00 20.44 24.99
CA THR B 186 10.57 19.22 25.64
C THR B 186 9.30 19.47 26.43
N GLY B 187 8.55 18.39 26.66
CA GLY B 187 7.28 18.48 27.36
C GLY B 187 6.25 17.52 26.81
N HIS B 188 6.35 17.20 25.53
CA HIS B 188 5.51 16.15 24.95
C HIS B 188 5.93 14.81 25.52
N THR B 189 4.95 13.92 25.72
CA THR B 189 5.24 12.58 26.22
C THR B 189 5.18 11.52 25.13
N GLY B 190 4.50 11.80 24.02
CA GLY B 190 4.44 10.87 22.90
C GLY B 190 5.30 11.33 21.74
N ASP B 191 5.14 10.63 20.62
CA ASP B 191 5.87 10.96 19.41
C ASP B 191 5.34 12.26 18.82
N VAL B 192 6.19 13.28 18.73
CA VAL B 192 5.80 14.49 18.05
C VAL B 192 5.70 14.19 16.56
N MET B 193 4.50 14.33 15.99
CA MET B 193 4.25 13.89 14.63
C MET B 193 4.29 15.01 13.60
N SER B 194 4.03 16.25 14.00
CA SER B 194 3.95 17.34 13.04
C SER B 194 4.25 18.64 13.77
N LEU B 195 4.87 19.57 13.04
CA LEU B 195 5.06 20.93 13.53
C LEU B 195 4.69 21.90 12.42
N SER B 196 4.17 23.06 12.83
CA SER B 196 3.82 24.13 11.92
C SER B 196 4.46 25.42 12.41
N LEU B 197 5.00 26.20 11.49
CA LEU B 197 5.67 27.45 11.81
C LEU B 197 4.70 28.62 11.66
N ALA B 198 4.70 29.50 12.64
CA ALA B 198 3.87 30.69 12.56
C ALA B 198 4.38 31.61 11.45
N PRO B 199 3.51 32.44 10.87
CA PRO B 199 3.98 33.38 9.84
C PRO B 199 5.09 34.29 10.31
N ASP B 200 5.04 34.76 11.56
CA ASP B 200 6.08 35.63 12.10
C ASP B 200 7.35 34.85 12.47
N THR B 201 7.24 33.53 12.62
CA THR B 201 8.35 32.60 12.86
C THR B 201 8.94 32.74 14.28
N ARG B 202 8.26 33.47 15.17
CA ARG B 202 8.69 33.49 16.56
C ARG B 202 8.03 32.41 17.41
N LEU B 203 6.98 31.76 16.89
CA LEU B 203 6.32 30.68 17.61
C LEU B 203 6.06 29.53 16.66
N PHE B 204 5.88 28.34 17.23
CA PHE B 204 5.44 27.22 16.42
C PHE B 204 4.64 26.25 17.29
N VAL B 205 3.78 25.47 16.65
CA VAL B 205 2.93 24.50 17.32
C VAL B 205 3.36 23.10 16.92
N SER B 206 3.26 22.18 17.87
CA SER B 206 3.60 20.78 17.64
C SER B 206 2.54 19.89 18.25
N GLY B 207 2.10 18.88 17.50
CA GLY B 207 1.16 17.89 17.99
C GLY B 207 1.84 16.53 18.10
N ALA B 208 1.54 15.82 19.18
CA ALA B 208 2.24 14.58 19.49
C ALA B 208 1.25 13.43 19.66
N CYS B 209 1.81 12.25 19.92
CA CYS B 209 1.03 11.04 20.14
C CYS B 209 0.35 11.02 21.51
N ASP B 210 0.64 11.99 22.37
CA ASP B 210 -0.04 12.12 23.65
C ASP B 210 -1.42 12.79 23.51
N ALA B 211 -1.89 12.98 22.28
CA ALA B 211 -3.16 13.65 22.00
C ALA B 211 -3.19 15.08 22.54
N SER B 212 -2.05 15.76 22.45
CA SER B 212 -1.94 17.13 22.91
C SER B 212 -1.15 17.95 21.91
N ALA B 213 -1.42 19.25 21.90
CA ALA B 213 -0.67 20.22 21.09
C ALA B 213 0.01 21.21 22.00
N LYS B 214 1.17 21.71 21.58
CA LYS B 214 1.94 22.65 22.37
C LYS B 214 2.42 23.80 21.50
N LEU B 215 2.27 25.01 22.02
CA LEU B 215 2.76 26.23 21.40
C LEU B 215 4.05 26.64 22.09
N TRP B 216 5.13 26.75 21.32
CA TRP B 216 6.46 27.09 21.80
C TRP B 216 6.92 28.42 21.23
N ASP B 217 7.68 29.14 22.05
CA ASP B 217 8.43 30.31 21.64
C ASP B 217 9.80 29.85 21.15
N VAL B 218 10.11 30.15 19.88
CA VAL B 218 11.33 29.63 19.27
C VAL B 218 12.57 30.15 19.98
N ARG B 219 12.59 31.45 20.30
CA ARG B 219 13.78 32.04 20.89
C ARG B 219 13.97 31.61 22.35
N GLU B 220 12.90 31.62 23.14
CA GLU B 220 13.04 31.29 24.56
C GLU B 220 13.25 29.79 24.76
N GLY B 221 12.63 28.95 23.93
CA GLY B 221 12.77 27.51 24.08
C GLY B 221 11.89 26.88 25.12
N MET B 222 10.75 27.51 25.44
CA MET B 222 9.87 27.04 26.49
C MET B 222 8.45 26.89 25.96
N CYS B 223 7.71 25.96 26.55
CA CYS B 223 6.34 25.66 26.12
C CYS B 223 5.42 26.78 26.59
N ARG B 224 5.06 27.67 25.67
CA ARG B 224 4.18 28.77 26.02
C ARG B 224 2.79 28.28 26.40
N GLN B 225 2.29 27.26 25.70
CA GLN B 225 0.88 26.93 25.87
C GLN B 225 0.63 25.48 25.51
N THR B 226 -0.44 24.90 26.06
CA THR B 226 -0.79 23.51 25.80
C THR B 226 -2.29 23.39 25.58
N PHE B 227 -2.68 22.64 24.55
CA PHE B 227 -4.08 22.46 24.17
C PHE B 227 -4.39 20.98 24.12
N THR B 228 -5.51 20.59 24.72
CA THR B 228 -6.02 19.23 24.68
C THR B 228 -7.41 19.22 24.07
N GLY B 229 -7.99 18.04 23.95
CA GLY B 229 -9.31 17.90 23.38
C GLY B 229 -9.43 16.71 22.46
N HIS B 230 -8.33 16.36 21.79
CA HIS B 230 -8.34 15.18 20.93
C HIS B 230 -8.29 13.92 21.78
N GLU B 231 -8.76 12.82 21.19
CA GLU B 231 -8.82 11.54 21.89
C GLU B 231 -7.69 10.60 21.53
N SER B 232 -7.02 10.80 20.39
CA SER B 232 -5.97 9.91 19.94
C SER B 232 -4.83 10.77 19.38
N ASP B 233 -3.90 10.12 18.69
CA ASP B 233 -2.68 10.77 18.24
C ASP B 233 -2.97 11.88 17.25
N ILE B 234 -2.25 13.00 17.41
CA ILE B 234 -2.32 14.11 16.47
C ILE B 234 -1.30 13.86 15.36
N ASN B 235 -1.79 13.71 14.13
CA ASN B 235 -0.94 13.41 13.00
C ASN B 235 -0.59 14.62 12.15
N ALA B 236 -1.31 15.73 12.31
CA ALA B 236 -1.16 16.86 11.42
C ALA B 236 -1.55 18.12 12.15
N ILE B 237 -0.91 19.22 11.77
CA ILE B 237 -1.14 20.51 12.40
C ILE B 237 -0.75 21.60 11.42
N CYS B 238 -1.48 22.72 11.47
CA CYS B 238 -1.25 23.84 10.57
C CYS B 238 -1.82 25.09 11.20
N PHE B 239 -1.15 26.22 10.99
CA PHE B 239 -1.68 27.51 11.41
C PHE B 239 -2.74 28.04 10.47
N PHE B 240 -3.72 28.72 11.05
CA PHE B 240 -4.57 29.64 10.31
C PHE B 240 -3.71 30.78 9.77
N PRO B 241 -4.05 31.32 8.60
CA PRO B 241 -3.17 32.31 7.95
C PRO B 241 -2.80 33.50 8.82
N ASN B 242 -3.67 33.96 9.71
CA ASN B 242 -3.35 35.13 10.52
C ASN B 242 -2.43 34.80 11.69
N GLY B 243 -2.16 33.53 11.95
CA GLY B 243 -1.25 33.15 13.00
C GLY B 243 -1.81 33.13 14.40
N ASN B 244 -3.12 33.32 14.55
CA ASN B 244 -3.75 33.34 15.87
C ASN B 244 -4.58 32.08 16.14
N ALA B 245 -4.47 31.07 15.29
CA ALA B 245 -5.23 29.84 15.46
C ALA B 245 -4.53 28.74 14.68
N PHE B 246 -4.92 27.50 14.95
CA PHE B 246 -4.32 26.38 14.25
C PHE B 246 -5.26 25.18 14.27
N ALA B 247 -5.15 24.34 13.25
CA ALA B 247 -5.98 23.16 13.09
C ALA B 247 -5.15 21.91 13.29
N THR B 248 -5.75 20.90 13.94
CA THR B 248 -5.11 19.64 14.25
C THR B 248 -5.97 18.49 13.76
N GLY B 249 -5.36 17.56 13.03
CA GLY B 249 -6.02 16.35 12.57
C GLY B 249 -5.49 15.15 13.34
N SER B 250 -6.39 14.23 13.70
CA SER B 250 -6.08 13.16 14.63
C SER B 250 -6.62 11.82 14.13
N ASP B 251 -6.22 10.75 14.83
CA ASP B 251 -6.72 9.41 14.54
C ASP B 251 -8.11 9.14 15.08
N ASP B 252 -8.65 10.01 15.93
CA ASP B 252 -10.03 9.88 16.37
C ASP B 252 -11.02 10.26 15.28
N ALA B 253 -10.54 10.50 14.05
CA ALA B 253 -11.32 10.80 12.86
C ALA B 253 -11.92 12.19 12.86
N THR B 254 -11.37 13.12 13.66
CA THR B 254 -11.84 14.49 13.69
C THR B 254 -10.68 15.45 13.49
N CYS B 255 -10.99 16.61 12.92
CA CYS B 255 -10.11 17.76 12.98
C CYS B 255 -10.65 18.74 14.01
N ARG B 256 -9.78 19.56 14.56
CA ARG B 256 -10.19 20.54 15.55
C ARG B 256 -9.45 21.84 15.31
N LEU B 257 -10.05 22.93 15.73
CA LEU B 257 -9.46 24.26 15.60
C LEU B 257 -9.26 24.84 16.99
N PHE B 258 -8.06 25.35 17.26
CA PHE B 258 -7.70 25.93 18.54
C PHE B 258 -7.27 27.37 18.33
N ASP B 259 -7.69 28.23 19.24
CA ASP B 259 -7.28 29.64 19.25
C ASP B 259 -6.27 29.85 20.37
N LEU B 260 -5.13 30.47 20.03
CA LEU B 260 -4.09 30.69 21.03
C LEU B 260 -4.57 31.62 22.14
N ARG B 261 -5.30 32.67 21.78
CA ARG B 261 -5.76 33.63 22.79
C ARG B 261 -6.90 33.07 23.63
N ALA B 262 -7.86 32.38 23.00
CA ALA B 262 -8.95 31.78 23.73
C ALA B 262 -8.48 30.60 24.58
N ASP B 263 -7.35 29.98 24.24
CA ASP B 263 -6.74 28.92 25.04
C ASP B 263 -7.62 27.69 25.15
N GLN B 264 -8.42 27.41 24.13
CA GLN B 264 -9.31 26.24 24.18
C GLN B 264 -9.77 25.91 22.77
N GLU B 265 -10.64 24.90 22.68
CA GLU B 265 -11.16 24.38 21.42
C GLU B 265 -12.24 25.31 20.89
N LEU B 266 -12.24 25.53 19.57
CA LEU B 266 -13.27 26.36 18.93
C LEU B 266 -14.26 25.54 18.12
N MET B 267 -13.78 24.65 17.24
CA MET B 267 -14.69 23.93 16.38
C MET B 267 -14.11 22.58 15.97
N THR B 268 -14.99 21.59 15.90
CA THR B 268 -14.63 20.22 15.55
C THR B 268 -15.23 19.86 14.21
N TYR B 269 -14.39 19.40 13.29
CA TYR B 269 -14.77 19.01 11.93
C TYR B 269 -14.75 17.49 11.88
N SER B 270 -15.93 16.88 11.96
CA SER B 270 -16.07 15.44 11.92
C SER B 270 -17.42 15.08 11.33
N HIS B 271 -17.50 13.86 10.80
CA HIS B 271 -18.76 13.31 10.30
C HIS B 271 -18.86 11.86 10.74
N ASP B 272 -20.11 11.41 10.97
CA ASP B 272 -20.33 10.05 11.45
C ASP B 272 -19.85 9.01 10.45
N ASN B 273 -20.04 9.28 9.15
CA ASN B 273 -19.59 8.36 8.12
C ASN B 273 -18.07 8.32 7.98
N ILE B 274 -17.35 9.24 8.62
CA ILE B 274 -15.90 9.23 8.60
C ILE B 274 -15.41 8.48 9.84
N ILE B 275 -14.70 7.38 9.61
CA ILE B 275 -14.19 6.57 10.72
C ILE B 275 -12.70 6.30 10.51
N CYS B 276 -12.05 7.11 9.69
CA CYS B 276 -10.62 7.01 9.45
C CYS B 276 -9.92 8.25 9.98
N GLY B 277 -8.65 8.09 10.35
CA GLY B 277 -7.90 9.21 10.87
C GLY B 277 -7.47 10.19 9.79
N ILE B 278 -7.14 11.39 10.24
CA ILE B 278 -6.65 12.43 9.35
C ILE B 278 -5.13 12.36 9.30
N THR B 279 -4.59 12.30 8.09
CA THR B 279 -3.16 12.21 7.86
C THR B 279 -2.51 13.56 7.62
N SER B 280 -3.26 14.54 7.12
CA SER B 280 -2.70 15.83 6.78
C SER B 280 -3.81 16.88 6.80
N VAL B 281 -3.46 18.09 7.18
CA VAL B 281 -4.36 19.23 7.15
C VAL B 281 -3.66 20.41 6.51
N SER B 282 -4.44 21.34 5.99
CA SER B 282 -3.91 22.53 5.35
C SER B 282 -5.02 23.56 5.21
N PHE B 283 -4.64 24.82 5.27
CA PHE B 283 -5.58 25.92 5.11
C PHE B 283 -5.41 26.55 3.74
N SER B 284 -6.48 27.12 3.22
CA SER B 284 -6.42 27.84 1.96
C SER B 284 -5.90 29.26 2.21
N LYS B 285 -5.89 30.06 1.14
CA LYS B 285 -5.23 31.37 1.18
C LYS B 285 -5.86 32.27 2.24
N SER B 286 -7.18 32.32 2.30
CA SER B 286 -7.87 33.16 3.27
C SER B 286 -8.17 32.46 4.59
N GLY B 287 -7.92 31.16 4.67
CA GLY B 287 -8.30 30.41 5.84
C GLY B 287 -9.76 30.01 5.89
N ARG B 288 -10.52 30.29 4.84
CA ARG B 288 -11.93 29.90 4.83
C ARG B 288 -12.10 28.40 4.66
N LEU B 289 -11.26 27.78 3.84
CA LEU B 289 -11.34 26.35 3.56
C LEU B 289 -10.24 25.62 4.30
N LEU B 290 -10.60 24.52 4.96
CA LEU B 290 -9.65 23.66 5.64
C LEU B 290 -9.63 22.32 4.91
N LEU B 291 -8.50 21.99 4.31
CA LEU B 291 -8.38 20.75 3.57
C LEU B 291 -7.72 19.70 4.44
N ALA B 292 -8.24 18.48 4.39
CA ALA B 292 -7.74 17.40 5.24
C ALA B 292 -7.63 16.11 4.44
N GLY B 293 -6.48 15.44 4.55
CA GLY B 293 -6.32 14.14 3.95
C GLY B 293 -6.70 13.02 4.91
N TYR B 294 -7.18 11.91 4.36
CA TYR B 294 -7.75 10.84 5.17
C TYR B 294 -7.17 9.50 4.73
N ASP B 295 -7.44 8.48 5.57
CA ASP B 295 -7.13 7.10 5.24
C ASP B 295 -8.16 6.46 4.32
N ASP B 296 -9.33 7.07 4.16
CA ASP B 296 -10.35 6.58 3.23
C ASP B 296 -9.98 6.84 1.78
N PHE B 297 -8.75 7.31 1.53
CA PHE B 297 -8.10 7.53 0.25
C PHE B 297 -8.52 8.87 -0.35
N ASN B 298 -9.32 9.67 0.35
CA ASN B 298 -9.84 10.92 -0.18
C ASN B 298 -9.32 12.10 0.63
N CYS B 299 -9.62 13.30 0.14
CA CYS B 299 -9.42 14.54 0.88
C CYS B 299 -10.76 15.23 1.03
N ASN B 300 -10.96 15.86 2.18
CA ASN B 300 -12.19 16.60 2.45
C ASN B 300 -11.87 18.09 2.59
N VAL B 301 -12.62 18.91 1.89
CA VAL B 301 -12.55 20.36 2.00
C VAL B 301 -13.69 20.79 2.90
N TRP B 302 -13.36 21.21 4.11
CA TRP B 302 -14.33 21.68 5.10
C TRP B 302 -14.43 23.19 5.07
N ASP B 303 -15.64 23.67 5.30
CA ASP B 303 -15.83 25.08 5.63
C ASP B 303 -15.34 25.30 7.05
N ALA B 304 -14.23 26.03 7.21
CA ALA B 304 -13.61 26.16 8.51
C ALA B 304 -14.50 26.92 9.49
N LEU B 305 -15.23 27.92 9.01
CA LEU B 305 -16.05 28.73 9.90
C LEU B 305 -17.38 28.07 10.26
N LYS B 306 -17.79 27.03 9.54
CA LYS B 306 -19.09 26.42 9.77
C LYS B 306 -19.04 24.92 10.05
N ALA B 307 -17.91 24.25 9.79
CA ALA B 307 -17.77 22.81 9.97
C ALA B 307 -18.78 22.05 9.11
N ASP B 308 -18.85 22.43 7.84
CA ASP B 308 -19.65 21.70 6.86
C ASP B 308 -18.74 21.33 5.70
N ARG B 309 -18.79 20.07 5.29
CA ARG B 309 -17.94 19.62 4.18
C ARG B 309 -18.28 20.36 2.89
N ALA B 310 -17.37 21.21 2.44
CA ALA B 310 -17.60 21.98 1.23
C ALA B 310 -17.31 21.16 -0.03
N GLY B 311 -16.44 20.16 0.06
CA GLY B 311 -16.11 19.40 -1.13
C GLY B 311 -15.27 18.19 -0.82
N VAL B 312 -15.02 17.40 -1.85
CA VAL B 312 -14.21 16.19 -1.75
C VAL B 312 -13.22 16.20 -2.91
N LEU B 313 -11.97 15.88 -2.62
CA LEU B 313 -10.97 15.58 -3.64
C LEU B 313 -10.79 14.07 -3.68
N ALA B 314 -11.12 13.46 -4.82
CA ALA B 314 -11.04 12.03 -4.99
C ALA B 314 -10.28 11.72 -6.28
N GLY B 315 -9.56 10.61 -6.28
CA GLY B 315 -8.71 10.26 -7.39
C GLY B 315 -7.45 9.56 -6.98
N HIS B 316 -7.20 9.49 -5.68
CA HIS B 316 -6.04 8.77 -5.17
C HIS B 316 -6.45 7.35 -4.82
N ASP B 317 -5.64 6.38 -5.27
CA ASP B 317 -5.95 4.97 -5.10
C ASP B 317 -5.54 4.44 -3.74
N ASN B 318 -4.71 5.16 -3.00
CA ASN B 318 -4.24 4.70 -1.70
C ASN B 318 -4.31 5.82 -0.69
N ARG B 319 -3.73 5.59 0.49
CA ARG B 319 -3.82 6.54 1.60
C ARG B 319 -3.19 7.87 1.21
N VAL B 320 -3.92 8.95 1.48
CA VAL B 320 -3.44 10.30 1.21
C VAL B 320 -2.52 10.70 2.36
N SER B 321 -1.24 10.88 2.07
CA SER B 321 -0.26 11.21 3.08
C SER B 321 0.14 12.67 3.11
N CYS B 322 -0.11 13.41 2.04
CA CYS B 322 0.46 14.73 1.84
C CYS B 322 -0.62 15.72 1.45
N LEU B 323 -0.41 16.98 1.84
CA LEU B 323 -1.39 18.02 1.55
C LEU B 323 -0.70 19.37 1.64
N GLY B 324 -0.61 20.07 0.51
CA GLY B 324 -0.02 21.39 0.52
C GLY B 324 -0.77 22.38 -0.34
N VAL B 325 -0.96 23.59 0.17
CA VAL B 325 -1.54 24.70 -0.58
C VAL B 325 -0.44 25.70 -0.85
N THR B 326 -0.45 26.28 -2.06
CA THR B 326 0.57 27.24 -2.44
C THR B 326 0.44 28.54 -1.68
N ASP B 327 1.51 29.34 -1.70
CA ASP B 327 1.49 30.61 -1.00
C ASP B 327 0.56 31.62 -1.66
N ASP B 328 0.36 31.53 -2.97
CA ASP B 328 -0.61 32.38 -3.65
C ASP B 328 -2.01 31.77 -3.66
N GLY B 329 -2.16 30.55 -3.15
CA GLY B 329 -3.46 29.91 -3.06
C GLY B 329 -4.02 29.38 -4.37
N MET B 330 -3.21 29.30 -5.41
CA MET B 330 -3.73 28.91 -6.71
C MET B 330 -4.05 27.43 -6.78
N ALA B 331 -3.18 26.58 -6.23
CA ALA B 331 -3.31 25.14 -6.40
C ALA B 331 -3.09 24.44 -5.07
N VAL B 332 -3.60 23.22 -4.99
CA VAL B 332 -3.36 22.33 -3.85
C VAL B 332 -2.76 21.04 -4.38
N ALA B 333 -1.71 20.55 -3.71
CA ALA B 333 -1.05 19.33 -4.13
C ALA B 333 -1.25 18.25 -3.07
N THR B 334 -1.60 17.05 -3.52
CA THR B 334 -1.80 15.92 -2.64
C THR B 334 -0.88 14.77 -3.08
N GLY B 335 -0.12 14.26 -2.13
CA GLY B 335 0.62 13.03 -2.33
C GLY B 335 -0.11 11.87 -1.67
N SER B 336 0.24 10.66 -2.12
CA SER B 336 -0.48 9.49 -1.64
C SER B 336 0.46 8.30 -1.60
N TRP B 337 -0.03 7.23 -0.97
CA TRP B 337 0.68 5.96 -0.92
C TRP B 337 0.63 5.20 -2.23
N ASP B 338 -0.07 5.72 -3.24
CA ASP B 338 -0.09 5.16 -4.58
C ASP B 338 1.05 5.70 -5.46
N SER B 339 1.93 6.52 -4.90
CA SER B 339 3.15 7.01 -5.54
C SER B 339 2.88 8.08 -6.60
N PHE B 340 1.78 8.82 -6.48
CA PHE B 340 1.44 9.86 -7.43
C PHE B 340 1.19 11.17 -6.71
N LEU B 341 1.62 12.26 -7.33
CA LEU B 341 1.27 13.59 -6.85
C LEU B 341 0.17 14.16 -7.73
N LYS B 342 -0.78 14.85 -7.12
CA LYS B 342 -1.88 15.44 -7.86
C LYS B 342 -1.96 16.93 -7.56
N ILE B 343 -1.96 17.74 -8.61
CA ILE B 343 -2.16 19.18 -8.50
C ILE B 343 -3.60 19.47 -8.90
N TRP B 344 -4.36 20.03 -7.96
CA TRP B 344 -5.75 20.41 -8.11
C TRP B 344 -5.90 21.92 -8.13
N ASN B 345 -6.87 22.39 -8.89
CA ASN B 345 -7.17 23.82 -8.95
C ASN B 345 -8.67 24.07 -9.03
N SER C 7 9.94 11.09 38.12
CA SER C 7 9.00 10.88 39.21
C SER C 7 8.70 12.18 39.95
N ILE C 8 9.32 12.33 41.13
CA ILE C 8 9.07 13.52 41.95
C ILE C 8 9.55 14.77 41.23
N ALA C 9 10.75 14.72 40.65
CA ALA C 9 11.24 15.85 39.86
C ALA C 9 10.39 16.09 38.64
N GLN C 10 9.97 15.01 37.96
CA GLN C 10 9.10 15.14 36.81
C GLN C 10 7.76 15.76 37.18
N ALA C 11 7.17 15.31 38.29
CA ALA C 11 5.89 15.87 38.73
C ALA C 11 6.05 17.33 39.14
N ARG C 12 7.16 17.67 39.79
CA ARG C 12 7.40 19.08 40.13
C ARG C 12 7.53 19.94 38.89
N LYS C 13 8.24 19.44 37.87
CA LYS C 13 8.36 20.18 36.62
C LYS C 13 7.00 20.35 35.95
N LEU C 14 6.18 19.31 35.96
CA LEU C 14 4.85 19.40 35.38
C LEU C 14 3.99 20.42 36.12
N VAL C 15 4.09 20.45 37.46
CA VAL C 15 3.35 21.43 38.25
C VAL C 15 3.82 22.83 37.93
N GLU C 16 5.14 23.03 37.80
CA GLU C 16 5.66 24.34 37.44
C GLU C 16 5.14 24.78 36.07
N GLN C 17 5.13 23.87 35.10
CA GLN C 17 4.62 24.20 33.78
C GLN C 17 3.13 24.55 33.82
N LEU C 18 2.35 23.79 34.60
CA LEU C 18 0.93 24.08 34.74
C LEU C 18 0.71 25.45 35.37
N LYS C 19 1.47 25.78 36.41
CA LYS C 19 1.35 27.08 37.04
C LYS C 19 1.71 28.20 36.07
N MET C 20 2.78 28.01 35.30
CA MET C 20 3.21 29.04 34.35
C MET C 20 2.18 29.23 33.23
N GLU C 21 1.57 28.12 32.77
CA GLU C 21 0.57 28.22 31.70
C GLU C 21 -0.75 28.79 32.19
N ALA C 22 -1.13 28.51 33.43
CA ALA C 22 -2.42 28.98 33.94
C ALA C 22 -2.47 30.50 34.02
N ASN C 23 -1.38 31.14 34.46
CA ASN C 23 -1.39 32.57 34.74
C ASN C 23 -1.07 33.35 33.46
N ILE C 24 -2.01 33.26 32.51
CA ILE C 24 -1.92 34.00 31.26
C ILE C 24 -3.26 34.67 31.00
N ASP C 25 -3.22 35.70 30.16
CA ASP C 25 -4.42 36.45 29.80
C ASP C 25 -5.12 35.79 28.62
N ARG C 26 -6.41 35.50 28.78
CA ARG C 26 -7.22 34.90 27.74
C ARG C 26 -8.39 35.82 27.42
N ILE C 27 -8.55 36.15 26.14
CA ILE C 27 -9.69 36.94 25.68
C ILE C 27 -10.90 36.03 25.60
N LYS C 28 -12.09 36.61 25.46
CA LYS C 28 -13.30 35.83 25.33
C LYS C 28 -13.29 35.06 24.01
N VAL C 29 -14.00 33.93 24.00
CA VAL C 29 -14.08 33.11 22.80
C VAL C 29 -14.79 33.87 21.68
N SER C 30 -15.77 34.70 22.02
CA SER C 30 -16.49 35.46 21.01
C SER C 30 -15.57 36.40 20.25
N LYS C 31 -14.62 37.03 20.95
CA LYS C 31 -13.68 37.92 20.29
C LYS C 31 -12.80 37.18 19.30
N ALA C 32 -12.31 35.99 19.68
CA ALA C 32 -11.50 35.18 18.78
C ALA C 32 -12.31 34.73 17.57
N ALA C 33 -13.57 34.34 17.79
CA ALA C 33 -14.43 33.96 16.67
C ALA C 33 -14.65 35.14 15.73
N ALA C 34 -14.87 36.33 16.30
CA ALA C 34 -15.05 37.52 15.48
C ALA C 34 -13.79 37.82 14.69
N ASP C 35 -12.62 37.66 15.30
CA ASP C 35 -11.38 37.91 14.59
C ASP C 35 -11.17 36.93 13.45
N LEU C 36 -11.47 35.65 13.67
CA LEU C 36 -11.34 34.67 12.59
C LEU C 36 -12.31 34.97 11.45
N MET C 37 -13.55 35.32 11.79
CA MET C 37 -14.53 35.66 10.75
C MET C 37 -14.11 36.91 9.98
N ALA C 38 -13.60 37.92 10.69
CA ALA C 38 -13.17 39.14 10.02
C ALA C 38 -11.99 38.87 9.09
N TYR C 39 -11.04 38.04 9.53
CA TYR C 39 -9.92 37.72 8.65
C TYR C 39 -10.39 36.98 7.41
N CYS C 40 -11.30 36.02 7.58
CA CYS C 40 -11.80 35.28 6.42
C CYS C 40 -12.55 36.20 5.47
N GLU C 41 -13.30 37.16 6.01
CA GLU C 41 -14.04 38.08 5.16
C GLU C 41 -13.11 39.06 4.44
N ALA C 42 -12.00 39.45 5.06
CA ALA C 42 -11.13 40.45 4.49
C ALA C 42 -10.25 39.92 3.36
N HIS C 43 -10.11 38.59 3.23
CA HIS C 43 -9.24 37.99 2.23
C HIS C 43 -9.99 37.06 1.28
N ALA C 44 -11.33 37.16 1.23
CA ALA C 44 -12.11 36.25 0.41
C ALA C 44 -11.84 36.47 -1.08
N LYS C 45 -11.67 37.72 -1.50
CA LYS C 45 -11.45 38.00 -2.91
C LYS C 45 -10.13 37.43 -3.41
N GLU C 46 -9.12 37.35 -2.55
CA GLU C 46 -7.79 36.92 -2.94
C GLU C 46 -7.57 35.42 -2.80
N ASP C 47 -8.60 34.66 -2.45
CA ASP C 47 -8.49 33.21 -2.26
C ASP C 47 -8.88 32.49 -3.55
N PRO C 48 -7.91 32.07 -4.36
CA PRO C 48 -8.23 31.45 -5.65
C PRO C 48 -9.01 30.15 -5.53
N LEU C 49 -8.74 29.32 -4.51
CA LEU C 49 -9.46 28.06 -4.38
C LEU C 49 -10.89 28.29 -3.91
N LEU C 50 -11.10 29.25 -3.02
CA LEU C 50 -12.44 29.59 -2.59
C LEU C 50 -13.23 30.22 -3.73
N THR C 51 -12.65 31.20 -4.42
CA THR C 51 -13.27 31.85 -5.57
C THR C 51 -12.41 31.59 -6.80
N PRO C 52 -12.80 30.63 -7.65
CA PRO C 52 -11.94 30.27 -8.79
C PRO C 52 -11.70 31.44 -9.73
N VAL C 53 -10.48 31.50 -10.25
CA VAL C 53 -10.06 32.58 -11.16
C VAL C 53 -10.45 32.20 -12.58
N PRO C 54 -10.62 33.16 -13.49
CA PRO C 54 -10.88 32.81 -14.89
C PRO C 54 -9.70 32.07 -15.49
N ALA C 55 -10.00 31.23 -16.47
CA ALA C 55 -8.96 30.37 -17.05
C ALA C 55 -8.11 31.14 -18.04
N SER C 56 -7.60 32.29 -17.61
CA SER C 56 -6.64 33.10 -18.33
C SER C 56 -5.41 33.41 -17.50
N GLU C 57 -5.59 33.69 -16.20
CA GLU C 57 -4.48 33.86 -15.27
C GLU C 57 -4.20 32.60 -14.48
N ASN C 58 -4.92 31.51 -14.75
CA ASN C 58 -4.64 30.24 -14.09
C ASN C 58 -3.42 29.60 -14.75
N PRO C 59 -2.33 29.36 -14.01
CA PRO C 59 -1.15 28.72 -14.61
C PRO C 59 -1.29 27.23 -14.82
N PHE C 60 -2.37 26.62 -14.30
CA PHE C 60 -2.61 25.19 -14.44
C PHE C 60 -3.76 24.90 -15.40
N ARG C 61 -4.00 25.79 -16.36
CA ARG C 61 -5.06 25.59 -17.33
C ARG C 61 -4.69 24.53 -18.35
N GLN D 3 -9.51 16.12 28.10
CA GLN D 3 -8.31 15.29 28.12
C GLN D 3 -8.65 13.84 28.46
N VAL D 4 -7.93 12.90 27.84
CA VAL D 4 -8.14 11.49 28.11
C VAL D 4 -7.70 11.18 29.53
N GLN D 5 -8.56 10.49 30.27
CA GLN D 5 -8.30 10.22 31.68
C GLN D 5 -8.90 8.87 32.06
N LEU D 6 -8.11 8.07 32.78
CA LEU D 6 -8.54 6.77 33.28
C LEU D 6 -8.22 6.69 34.76
N GLN D 7 -9.23 6.48 35.59
CA GLN D 7 -9.06 6.39 37.03
C GLN D 7 -9.30 4.95 37.48
N GLU D 8 -8.30 4.36 38.11
CA GLU D 8 -8.40 2.99 38.62
C GLU D 8 -8.67 3.02 40.12
N SER D 9 -9.55 2.11 40.56
CA SER D 9 -9.91 2.05 41.97
C SER D 9 -10.25 0.61 42.33
N GLY D 10 -10.25 0.32 43.63
CA GLY D 10 -10.60 -0.99 44.14
C GLY D 10 -9.43 -1.79 44.66
N GLY D 11 -8.19 -1.35 44.44
CA GLY D 11 -7.06 -2.08 44.95
C GLY D 11 -6.92 -2.00 46.45
N GLY D 12 -6.16 -2.94 47.00
CA GLY D 12 -5.96 -2.97 48.43
C GLY D 12 -5.32 -4.28 48.85
N LEU D 13 -5.18 -4.44 50.16
CA LEU D 13 -4.59 -5.63 50.74
C LEU D 13 -5.66 -6.71 50.89
N VAL D 14 -5.38 -7.90 50.37
CA VAL D 14 -6.32 -9.01 50.42
C VAL D 14 -5.60 -10.28 50.84
N GLN D 15 -6.32 -11.16 51.52
CA GLN D 15 -5.77 -12.45 51.90
C GLN D 15 -5.57 -13.33 50.67
N PRO D 16 -4.56 -14.20 50.67
CA PRO D 16 -4.42 -15.16 49.58
C PRO D 16 -5.67 -16.00 49.41
N GLY D 17 -6.05 -16.22 48.16
CA GLY D 17 -7.28 -16.92 47.84
C GLY D 17 -8.53 -16.06 47.90
N GLY D 18 -8.41 -14.79 48.24
CA GLY D 18 -9.55 -13.91 48.36
C GLY D 18 -10.02 -13.39 47.02
N SER D 19 -10.98 -12.46 47.08
CA SER D 19 -11.58 -11.87 45.91
C SER D 19 -11.48 -10.36 45.98
N LEU D 20 -11.49 -9.73 44.80
CA LEU D 20 -11.36 -8.29 44.70
C LEU D 20 -11.95 -7.85 43.37
N ARG D 21 -12.28 -6.56 43.27
CA ARG D 21 -12.86 -6.01 42.05
C ARG D 21 -12.22 -4.67 41.76
N LEU D 22 -11.67 -4.52 40.56
CA LEU D 22 -11.04 -3.29 40.12
C LEU D 22 -11.95 -2.59 39.13
N SER D 23 -12.15 -1.29 39.33
CA SER D 23 -13.00 -0.47 38.47
C SER D 23 -12.17 0.62 37.81
N CYS D 24 -12.41 0.82 36.52
CA CYS D 24 -11.74 1.81 35.68
C CYS D 24 -12.80 2.77 35.16
N ALA D 25 -12.75 4.01 35.63
CA ALA D 25 -13.63 5.06 35.16
C ALA D 25 -12.91 5.86 34.08
N ALA D 26 -13.46 5.86 32.87
CA ALA D 26 -12.83 6.47 31.71
C ALA D 26 -13.60 7.73 31.32
N SER D 27 -12.87 8.83 31.13
CA SER D 27 -13.48 10.09 30.72
C SER D 27 -12.59 10.74 29.68
N GLY D 28 -13.20 11.56 28.83
CA GLY D 28 -12.47 12.27 27.81
C GLY D 28 -12.45 11.62 26.45
N PHE D 29 -13.19 10.54 26.24
CA PHE D 29 -13.25 9.90 24.94
C PHE D 29 -14.52 9.06 24.87
N THR D 30 -14.86 8.63 23.66
CA THR D 30 -16.00 7.75 23.42
C THR D 30 -15.60 6.34 23.83
N PHE D 31 -16.08 5.91 25.00
CA PHE D 31 -15.66 4.64 25.57
C PHE D 31 -16.00 3.47 24.66
N SER D 32 -17.18 3.49 24.05
CA SER D 32 -17.66 2.36 23.27
C SER D 32 -16.87 2.11 21.99
N ASN D 33 -16.02 3.05 21.58
CA ASN D 33 -15.30 2.92 20.32
C ASN D 33 -13.97 2.19 20.45
N TYR D 34 -13.51 1.92 21.67
CA TYR D 34 -12.14 1.50 21.90
C TYR D 34 -12.08 0.12 22.54
N LYS D 35 -11.12 -0.68 22.08
CA LYS D 35 -10.74 -1.89 22.79
C LYS D 35 -9.98 -1.52 24.07
N MET D 36 -10.26 -2.23 25.16
CA MET D 36 -9.72 -1.92 26.46
C MET D 36 -8.87 -3.08 26.98
N ASN D 37 -7.91 -2.75 27.85
CA ASN D 37 -6.94 -3.72 28.34
C ASN D 37 -6.71 -3.51 29.83
N TRP D 38 -6.33 -4.59 30.49
CA TRP D 38 -5.75 -4.56 31.83
C TRP D 38 -4.32 -5.04 31.72
N VAL D 39 -3.38 -4.26 32.27
CA VAL D 39 -1.96 -4.61 32.26
C VAL D 39 -1.45 -4.53 33.70
N ARG D 40 -0.32 -5.21 33.94
CA ARG D 40 0.23 -5.37 35.28
C ARG D 40 1.68 -4.92 35.33
N GLN D 41 2.08 -4.43 36.50
CA GLN D 41 3.47 -4.11 36.81
C GLN D 41 3.78 -4.74 38.16
N ALA D 42 4.43 -5.89 38.14
CA ALA D 42 4.78 -6.52 39.40
C ALA D 42 6.06 -5.90 39.95
N PRO D 43 6.22 -5.89 41.27
CA PRO D 43 7.43 -5.28 41.87
C PRO D 43 8.69 -5.99 41.42
N GLY D 44 9.62 -5.22 40.87
CA GLY D 44 10.91 -5.74 40.46
C GLY D 44 10.97 -6.36 39.09
N LYS D 45 9.96 -6.15 38.24
CA LYS D 45 9.99 -6.68 36.88
C LYS D 45 9.22 -5.74 35.97
N GLY D 46 9.05 -6.15 34.72
CA GLY D 46 8.48 -5.31 33.70
C GLY D 46 6.96 -5.22 33.79
N LEU D 47 6.37 -4.61 32.77
CA LEU D 47 4.94 -4.37 32.70
C LEU D 47 4.33 -5.34 31.71
N GLU D 48 3.32 -6.09 32.16
CA GLU D 48 2.77 -7.20 31.39
C GLU D 48 1.27 -7.05 31.21
N TRP D 49 0.80 -7.41 30.01
CA TRP D 49 -0.62 -7.40 29.69
C TRP D 49 -1.30 -8.62 30.28
N VAL D 50 -2.46 -8.43 30.89
CA VAL D 50 -3.18 -9.51 31.55
C VAL D 50 -4.52 -9.80 30.89
N SER D 51 -5.22 -8.78 30.41
CA SER D 51 -6.55 -9.05 29.87
C SER D 51 -6.92 -8.00 28.83
N ASP D 52 -7.87 -8.34 27.96
CA ASP D 52 -8.43 -7.35 27.05
C ASP D 52 -9.85 -7.73 26.66
N ILE D 53 -10.62 -6.69 26.34
CA ILE D 53 -12.02 -6.80 25.93
C ILE D 53 -12.26 -5.83 24.79
N SER D 54 -13.14 -6.21 23.87
CA SER D 54 -13.40 -5.43 22.67
C SER D 54 -14.46 -4.37 22.95
N GLN D 55 -14.91 -3.70 21.87
CA GLN D 55 -15.83 -2.58 22.03
C GLN D 55 -17.17 -3.03 22.60
N SER D 56 -17.70 -4.16 22.12
CA SER D 56 -18.98 -4.66 22.57
C SER D 56 -18.85 -5.59 23.78
N GLY D 57 -17.70 -6.23 23.94
CA GLY D 57 -17.53 -7.25 24.94
C GLY D 57 -17.61 -8.66 24.41
N ALA D 58 -17.91 -8.83 23.12
CA ALA D 58 -18.00 -10.17 22.55
C ALA D 58 -16.66 -10.88 22.57
N SER D 59 -15.58 -10.18 22.25
CA SER D 59 -14.24 -10.75 22.25
C SER D 59 -13.57 -10.46 23.58
N ILE D 60 -13.07 -11.51 24.23
CA ILE D 60 -12.42 -11.40 25.53
C ILE D 60 -11.21 -12.31 25.52
N SER D 61 -10.07 -11.81 25.99
CA SER D 61 -8.89 -12.64 26.07
C SER D 61 -8.13 -12.35 27.36
N TYR D 62 -7.44 -13.38 27.86
CA TYR D 62 -6.66 -13.29 29.08
C TYR D 62 -5.28 -13.87 28.86
N THR D 63 -4.32 -13.42 29.66
CA THR D 63 -3.04 -14.11 29.74
C THR D 63 -3.23 -15.46 30.42
N GLY D 64 -2.30 -16.38 30.15
CA GLY D 64 -2.47 -17.75 30.59
C GLY D 64 -2.54 -17.91 32.09
N SER D 65 -1.84 -17.07 32.84
CA SER D 65 -1.74 -17.24 34.28
C SER D 65 -3.03 -16.89 35.02
N VAL D 66 -4.01 -16.27 34.35
CA VAL D 66 -5.24 -15.85 34.99
C VAL D 66 -6.47 -16.53 34.39
N LYS D 67 -6.28 -17.57 33.58
CA LYS D 67 -7.41 -18.30 33.03
C LYS D 67 -8.25 -18.91 34.14
N GLY D 68 -9.57 -18.77 34.02
CA GLY D 68 -10.49 -19.32 35.00
C GLY D 68 -10.36 -18.66 36.36
N ARG D 69 -9.68 -17.54 36.41
CA ARG D 69 -9.41 -16.85 37.67
C ARG D 69 -9.83 -15.39 37.65
N PHE D 70 -9.64 -14.69 36.53
CA PHE D 70 -10.02 -13.29 36.40
C PHE D 70 -11.12 -13.16 35.36
N THR D 71 -12.02 -12.21 35.57
CA THR D 71 -13.10 -11.93 34.63
C THR D 71 -13.10 -10.45 34.30
N ILE D 72 -13.00 -10.13 33.02
CA ILE D 72 -13.02 -8.75 32.56
C ILE D 72 -14.40 -8.44 32.00
N SER D 73 -15.00 -7.34 32.47
CA SER D 73 -16.30 -6.92 32.01
C SER D 73 -16.25 -5.43 31.68
N ARG D 74 -17.25 -4.98 30.93
CA ARG D 74 -17.25 -3.63 30.38
C ARG D 74 -18.67 -3.10 30.35
N ASP D 75 -18.87 -1.91 30.92
CA ASP D 75 -20.18 -1.25 30.89
C ASP D 75 -20.01 0.07 30.14
N ASN D 76 -20.48 0.09 28.90
CA ASN D 76 -20.34 1.30 28.08
C ASN D 76 -21.28 2.41 28.54
N ALA D 77 -22.41 2.05 29.17
CA ALA D 77 -23.34 3.07 29.64
C ALA D 77 -22.71 3.95 30.72
N LYS D 78 -22.01 3.34 31.66
CA LYS D 78 -21.31 4.10 32.70
C LYS D 78 -19.86 4.38 32.34
N ASN D 79 -19.43 4.01 31.15
CA ASN D 79 -18.07 4.28 30.67
C ASN D 79 -17.03 3.69 31.61
N THR D 80 -17.19 2.41 31.94
CA THR D 80 -16.38 1.80 32.97
C THR D 80 -15.93 0.40 32.58
N LEU D 81 -14.79 0.00 33.12
CA LEU D 81 -14.22 -1.32 32.93
C LEU D 81 -14.07 -2.00 34.29
N TYR D 82 -14.23 -3.31 34.32
CA TYR D 82 -14.11 -4.07 35.56
C TYR D 82 -13.21 -5.27 35.39
N LEU D 83 -12.41 -5.54 36.42
CA LEU D 83 -11.62 -6.76 36.53
C LEU D 83 -11.97 -7.41 37.85
N GLN D 84 -12.73 -8.50 37.79
CA GLN D 84 -13.08 -9.29 38.97
C GLN D 84 -12.02 -10.36 39.15
N MET D 85 -11.25 -10.25 40.24
CA MET D 85 -10.16 -11.17 40.52
C MET D 85 -10.61 -12.12 41.62
N ASN D 86 -10.56 -13.41 41.33
CA ASN D 86 -11.00 -14.44 42.27
C ASN D 86 -9.83 -15.33 42.64
N SER D 87 -9.75 -15.70 43.92
CA SER D 87 -8.70 -16.58 44.43
C SER D 87 -7.31 -16.01 44.12
N LEU D 88 -7.04 -14.85 44.72
CA LEU D 88 -5.79 -14.16 44.46
C LEU D 88 -4.60 -14.96 45.01
N LYS D 89 -3.51 -14.95 44.27
CA LYS D 89 -2.26 -15.58 44.64
C LYS D 89 -1.21 -14.54 44.96
N PRO D 90 -0.19 -14.88 45.76
CA PRO D 90 0.84 -13.88 46.09
C PRO D 90 1.56 -13.32 44.89
N GLU D 91 1.69 -14.08 43.81
CA GLU D 91 2.32 -13.57 42.59
C GLU D 91 1.42 -12.62 41.81
N ASP D 92 0.16 -12.47 42.23
CA ASP D 92 -0.72 -11.46 41.63
C ASP D 92 -0.50 -10.07 42.21
N THR D 93 0.31 -9.93 43.24
CA THR D 93 0.62 -8.63 43.83
C THR D 93 1.33 -7.74 42.82
N ALA D 94 0.69 -6.65 42.42
CA ALA D 94 1.24 -5.78 41.38
C ALA D 94 0.43 -4.49 41.35
N VAL D 95 0.90 -3.55 40.54
CA VAL D 95 0.10 -2.38 40.19
C VAL D 95 -0.64 -2.67 38.90
N TYR D 96 -1.95 -2.48 38.92
CA TYR D 96 -2.80 -2.77 37.77
C TYR D 96 -3.18 -1.47 37.07
N TYR D 97 -2.93 -1.43 35.77
CA TYR D 97 -3.21 -0.27 34.94
C TYR D 97 -4.31 -0.60 33.94
N CYS D 98 -5.32 0.25 33.90
CA CYS D 98 -6.33 0.22 32.86
C CYS D 98 -5.78 0.93 31.64
N ALA D 99 -5.68 0.22 30.52
CA ALA D 99 -5.10 0.77 29.31
C ALA D 99 -6.14 0.82 28.20
N ARG D 100 -6.00 1.80 27.32
CA ARG D 100 -6.86 1.95 26.17
C ARG D 100 -6.05 1.76 24.90
N CYS D 101 -6.66 1.21 23.88
CA CYS D 101 -5.98 1.08 22.60
C CYS D 101 -5.83 2.45 21.95
N PRO D 102 -4.76 2.66 21.18
CA PRO D 102 -4.47 4.01 20.67
C PRO D 102 -5.53 4.58 19.74
N ALA D 103 -6.18 3.77 18.92
CA ALA D 103 -7.13 4.25 17.93
C ALA D 103 -8.48 3.56 18.08
N PRO D 104 -9.57 4.26 17.77
CA PRO D 104 -10.90 3.65 17.97
C PRO D 104 -11.22 2.61 16.92
N PHE D 105 -12.07 1.66 17.30
CA PHE D 105 -12.53 0.54 16.48
C PHE D 105 -11.42 0.02 15.57
N THR D 106 -10.34 -0.43 16.21
CA THR D 106 -9.19 -1.04 15.54
C THR D 106 -8.93 -2.39 16.16
N ARG D 107 -8.59 -3.37 15.32
CA ARG D 107 -8.34 -4.73 15.82
C ARG D 107 -7.01 -4.81 16.56
N ASP D 108 -5.97 -4.18 16.03
CA ASP D 108 -4.66 -4.21 16.66
C ASP D 108 -4.56 -3.17 17.77
N CYS D 109 -3.72 -3.46 18.76
CA CYS D 109 -3.47 -2.54 19.87
C CYS D 109 -1.98 -2.55 20.15
N PHE D 110 -1.26 -1.64 19.50
CA PHE D 110 0.18 -1.54 19.68
C PHE D 110 0.53 -0.82 20.98
N ASP D 111 1.64 -1.25 21.56
CA ASP D 111 2.31 -0.62 22.70
C ASP D 111 1.38 -0.07 23.78
N VAL D 112 0.32 -0.81 24.14
CA VAL D 112 -0.41 -0.49 25.36
C VAL D 112 0.31 -0.99 26.59
N THR D 113 1.35 -1.81 26.39
CA THR D 113 2.19 -2.31 27.47
C THR D 113 3.55 -1.61 27.52
N SER D 114 3.70 -0.51 26.79
CA SER D 114 4.96 0.20 26.69
C SER D 114 5.26 0.98 27.98
N THR D 115 6.49 1.47 28.08
CA THR D 115 6.95 2.10 29.31
C THR D 115 6.24 3.41 29.58
N THR D 116 6.01 4.23 28.55
CA THR D 116 5.44 5.57 28.69
C THR D 116 4.23 5.72 27.78
N TYR D 117 3.33 4.74 27.82
CA TYR D 117 2.10 4.82 27.04
C TYR D 117 1.20 5.93 27.57
N ALA D 118 0.66 6.74 26.66
CA ALA D 118 -0.09 7.92 27.07
C ALA D 118 -1.48 7.57 27.60
N TYR D 119 -2.18 6.67 26.94
CA TYR D 119 -3.57 6.38 27.28
C TYR D 119 -3.69 5.25 28.30
N ARG D 120 -2.96 5.37 29.39
CA ARG D 120 -2.94 4.40 30.47
C ARG D 120 -3.10 5.14 31.79
N GLY D 121 -3.81 4.53 32.73
CA GLY D 121 -4.07 5.16 34.01
C GLY D 121 -2.88 5.10 34.93
N GLN D 122 -3.07 5.70 36.11
CA GLN D 122 -2.02 5.70 37.13
C GLN D 122 -1.89 4.37 37.84
N GLY D 123 -2.91 3.51 37.76
CA GLY D 123 -2.84 2.18 38.34
C GLY D 123 -3.26 2.15 39.79
N THR D 124 -3.60 0.94 40.24
CA THR D 124 -3.97 0.69 41.63
C THR D 124 -3.20 -0.51 42.14
N GLN D 125 -2.79 -0.44 43.40
CA GLN D 125 -1.93 -1.48 43.98
C GLN D 125 -2.78 -2.61 44.54
N VAL D 126 -2.43 -3.85 44.19
CA VAL D 126 -3.08 -5.04 44.71
C VAL D 126 -2.00 -5.87 45.39
N THR D 127 -2.14 -6.07 46.70
CA THR D 127 -1.16 -6.79 47.51
C THR D 127 -1.80 -8.07 48.03
N VAL D 128 -1.16 -9.20 47.75
CA VAL D 128 -1.67 -10.49 48.19
C VAL D 128 -0.63 -11.20 49.06
N SER E 8 -17.52 -27.73 -52.48
CA SER E 8 -18.79 -27.21 -52.97
C SER E 8 -18.60 -26.44 -54.27
N LEU E 9 -18.01 -25.25 -54.18
CA LEU E 9 -17.76 -24.41 -55.35
C LEU E 9 -16.30 -24.44 -55.80
N TRP E 10 -15.34 -24.57 -54.88
CA TRP E 10 -13.95 -24.66 -55.28
C TRP E 10 -13.67 -25.94 -56.06
N GLU E 11 -14.37 -27.03 -55.73
CA GLU E 11 -14.27 -28.23 -56.53
C GLU E 11 -14.73 -27.98 -57.96
N THR E 12 -15.80 -27.18 -58.12
CA THR E 12 -16.27 -26.84 -59.46
C THR E 12 -15.22 -26.06 -60.24
N VAL E 13 -14.57 -25.08 -59.61
CA VAL E 13 -13.59 -24.27 -60.33
C VAL E 13 -12.33 -25.07 -60.63
N GLN E 14 -11.93 -25.98 -59.74
CA GLN E 14 -10.76 -26.80 -60.05
C GLN E 14 -11.07 -27.81 -61.14
N LYS E 15 -12.30 -28.34 -61.17
CA LYS E 15 -12.71 -29.18 -62.29
C LYS E 15 -12.73 -28.39 -63.59
N TRP E 16 -13.18 -27.13 -63.54
CA TRP E 16 -13.18 -26.27 -64.72
C TRP E 16 -11.78 -26.02 -65.23
N ARG E 17 -10.83 -25.75 -64.32
CA ARG E 17 -9.46 -25.50 -64.76
C ARG E 17 -8.80 -26.78 -65.26
N GLU E 18 -9.14 -27.94 -64.68
CA GLU E 18 -8.66 -29.20 -65.23
C GLU E 18 -9.21 -29.45 -66.63
N TYR E 19 -10.48 -29.11 -66.85
CA TYR E 19 -11.06 -29.22 -68.19
C TYR E 19 -10.36 -28.30 -69.17
N ARG E 20 -10.04 -27.08 -68.75
CA ARG E 20 -9.30 -26.17 -69.61
C ARG E 20 -7.92 -26.72 -69.93
N ARG E 21 -7.24 -27.29 -68.94
CA ARG E 21 -5.93 -27.90 -69.19
C ARG E 21 -6.04 -29.06 -70.18
N GLN E 22 -7.07 -29.90 -70.02
CA GLN E 22 -7.27 -31.01 -70.95
C GLN E 22 -7.54 -30.51 -72.36
N CYS E 23 -8.35 -29.46 -72.49
CA CYS E 23 -8.61 -28.89 -73.82
C CYS E 23 -7.34 -28.33 -74.43
N GLN E 24 -6.51 -27.64 -73.63
CA GLN E 24 -5.26 -27.11 -74.13
C GLN E 24 -4.32 -28.23 -74.58
N ARG E 25 -4.27 -29.32 -73.81
CA ARG E 25 -3.45 -30.46 -74.20
C ARG E 25 -3.95 -31.09 -75.50
N SER E 26 -5.27 -31.21 -75.64
CA SER E 26 -5.83 -31.78 -76.86
C SER E 26 -5.54 -30.88 -78.07
N LEU E 27 -5.63 -29.57 -77.89
CA LEU E 27 -5.38 -28.66 -79.01
C LEU E 27 -3.90 -28.61 -79.39
N THR E 28 -3.01 -28.66 -78.39
CA THR E 28 -1.57 -28.50 -78.64
C THR E 28 -0.86 -29.85 -78.76
N GLU E 29 -0.94 -30.68 -77.72
CA GLU E 29 -0.17 -31.93 -77.72
C GLU E 29 -0.76 -32.93 -78.72
N ASP E 30 -2.03 -33.27 -78.55
CA ASP E 30 -2.66 -34.23 -79.46
C ASP E 30 -2.84 -33.60 -80.83
N PRO E 31 -2.39 -34.24 -81.92
CA PRO E 31 -2.53 -33.70 -83.27
C PRO E 31 -3.87 -34.04 -83.90
N PRO E 114 -26.19 -31.20 -45.85
CA PRO E 114 -25.22 -30.66 -46.81
C PRO E 114 -25.10 -29.15 -46.74
N GLU E 115 -25.86 -28.43 -47.57
CA GLU E 115 -25.79 -26.98 -47.59
C GLU E 115 -26.34 -26.39 -46.28
N GLU E 116 -27.38 -27.01 -45.71
CA GLU E 116 -27.93 -26.51 -44.46
C GLU E 116 -26.91 -26.63 -43.33
N GLN E 117 -26.18 -27.74 -43.28
CA GLN E 117 -25.10 -27.86 -42.30
C GLN E 117 -24.01 -26.82 -42.55
N LEU E 118 -23.71 -26.54 -43.81
CA LEU E 118 -22.71 -25.53 -44.14
C LEU E 118 -23.12 -24.16 -43.62
N LEU E 119 -24.37 -23.75 -43.88
CA LEU E 119 -24.81 -22.45 -43.41
C LEU E 119 -24.91 -22.42 -41.89
N PHE E 120 -25.27 -23.55 -41.28
CA PHE E 120 -25.32 -23.62 -39.81
C PHE E 120 -23.94 -23.39 -39.21
N LEU E 121 -22.93 -24.11 -39.72
CA LEU E 121 -21.56 -23.90 -39.24
C LEU E 121 -21.09 -22.47 -39.51
N TYR E 122 -21.41 -21.94 -40.69
CA TYR E 122 -21.00 -20.59 -41.04
C TYR E 122 -21.55 -19.58 -40.05
N ILE E 123 -22.86 -19.65 -39.77
CA ILE E 123 -23.45 -18.70 -38.85
C ILE E 123 -22.88 -18.90 -37.44
N ILE E 124 -22.58 -20.14 -37.06
CA ILE E 124 -22.02 -20.36 -35.72
C ILE E 124 -20.68 -19.66 -35.57
N TYR E 125 -19.75 -19.88 -36.50
CA TYR E 125 -18.45 -19.27 -36.23
C TYR E 125 -18.45 -17.78 -36.55
N THR E 126 -19.34 -17.32 -37.44
CA THR E 126 -19.48 -15.88 -37.63
C THR E 126 -20.04 -15.20 -36.39
N VAL E 127 -21.00 -15.83 -35.71
CA VAL E 127 -21.49 -15.30 -34.45
C VAL E 127 -20.38 -15.30 -33.41
N GLY E 128 -19.58 -16.37 -33.38
CA GLY E 128 -18.47 -16.43 -32.43
C GLY E 128 -17.48 -15.30 -32.63
N TYR E 129 -17.07 -15.06 -33.89
CA TYR E 129 -16.17 -13.96 -34.18
C TYR E 129 -16.80 -12.58 -33.97
N ALA E 130 -18.10 -12.43 -34.23
CA ALA E 130 -18.74 -11.14 -33.95
C ALA E 130 -18.74 -10.85 -32.46
N LEU E 131 -19.11 -11.83 -31.65
CA LEU E 131 -19.09 -11.68 -30.21
C LEU E 131 -17.68 -11.42 -29.69
N SER E 132 -16.70 -12.15 -30.24
CA SER E 132 -15.32 -11.94 -29.84
C SER E 132 -14.84 -10.54 -30.19
N PHE E 133 -15.16 -10.07 -31.40
CA PHE E 133 -14.77 -8.74 -31.83
C PHE E 133 -15.34 -7.68 -30.89
N SER E 134 -16.65 -7.77 -30.59
CA SER E 134 -17.28 -6.79 -29.73
C SER E 134 -16.67 -6.81 -28.33
N ALA E 135 -16.56 -8.01 -27.74
CA ALA E 135 -16.05 -8.12 -26.38
C ALA E 135 -14.60 -7.65 -26.29
N LEU E 136 -13.79 -7.98 -27.29
CA LEU E 136 -12.38 -7.59 -27.24
C LEU E 136 -12.21 -6.09 -27.47
N VAL E 137 -13.05 -5.48 -28.31
CA VAL E 137 -13.00 -4.02 -28.45
C VAL E 137 -13.35 -3.37 -27.11
N ILE E 138 -14.40 -3.85 -26.45
CA ILE E 138 -14.79 -3.28 -25.16
C ILE E 138 -13.69 -3.47 -24.13
N ALA E 139 -13.10 -4.67 -24.09
CA ALA E 139 -12.05 -4.98 -23.12
C ALA E 139 -10.81 -4.14 -23.36
N SER E 140 -10.42 -3.98 -24.63
CA SER E 140 -9.28 -3.14 -24.95
C SER E 140 -9.53 -1.69 -24.54
N ALA E 141 -10.75 -1.19 -24.78
CA ALA E 141 -11.08 0.16 -24.36
C ALA E 141 -10.96 0.31 -22.85
N ILE E 142 -11.49 -0.66 -22.09
CA ILE E 142 -11.43 -0.59 -20.63
C ILE E 142 -9.98 -0.59 -20.16
N LEU E 143 -9.19 -1.55 -20.67
CA LEU E 143 -7.80 -1.69 -20.21
C LEU E 143 -6.98 -0.45 -20.56
N LEU E 144 -7.19 0.11 -21.75
CA LEU E 144 -6.45 1.30 -22.14
C LEU E 144 -6.93 2.53 -21.40
N GLY E 145 -8.18 2.54 -20.95
CA GLY E 145 -8.74 3.75 -20.38
C GLY E 145 -8.55 3.94 -18.89
N PHE E 146 -8.70 2.87 -18.11
CA PHE E 146 -8.77 3.06 -16.65
C PHE E 146 -7.47 3.63 -16.08
N ARG E 147 -6.32 3.24 -16.63
CA ARG E 147 -5.03 3.87 -16.37
C ARG E 147 -4.48 3.58 -14.97
N HIS E 148 -5.29 3.01 -14.09
CA HIS E 148 -4.76 2.53 -12.83
C HIS E 148 -4.33 1.08 -12.93
N LEU E 149 -4.82 0.37 -13.93
CA LEU E 149 -4.48 -1.02 -14.19
C LEU E 149 -3.52 -1.15 -15.38
N HIS E 150 -2.76 -0.09 -15.66
CA HIS E 150 -1.69 -0.16 -16.65
C HIS E 150 -0.46 -0.84 -16.05
N CYS E 151 0.01 -1.88 -16.72
CA CYS E 151 1.17 -2.65 -16.28
C CYS E 151 1.63 -3.50 -17.45
N THR E 152 2.66 -4.30 -17.22
CA THR E 152 3.23 -5.11 -18.30
C THR E 152 2.27 -6.19 -18.77
N ARG E 153 1.66 -6.92 -17.83
CA ARG E 153 0.70 -7.94 -18.24
C ARG E 153 -0.54 -7.32 -18.85
N ASN E 154 -0.89 -6.10 -18.44
CA ASN E 154 -1.93 -5.35 -19.13
C ASN E 154 -1.57 -5.10 -20.58
N TYR E 155 -0.32 -4.71 -20.85
CA TYR E 155 0.09 -4.45 -22.22
C TYR E 155 0.11 -5.72 -23.04
N ILE E 156 0.54 -6.83 -22.45
CA ILE E 156 0.53 -8.10 -23.17
C ILE E 156 -0.89 -8.54 -23.44
N HIS E 157 -1.81 -8.31 -22.50
CA HIS E 157 -3.22 -8.61 -22.74
C HIS E 157 -3.79 -7.75 -23.84
N LEU E 158 -3.41 -6.48 -23.90
CA LEU E 158 -3.89 -5.60 -24.96
C LEU E 158 -3.38 -6.06 -26.32
N ASN E 159 -2.11 -6.48 -26.39
CA ASN E 159 -1.58 -6.99 -27.66
C ASN E 159 -2.27 -8.29 -28.05
N LEU E 160 -2.55 -9.16 -27.08
CA LEU E 160 -3.29 -10.39 -27.36
C LEU E 160 -4.69 -10.09 -27.88
N PHE E 161 -5.37 -9.12 -27.26
CA PHE E 161 -6.69 -8.73 -27.72
C PHE E 161 -6.65 -8.18 -29.13
N ALA E 162 -5.64 -7.35 -29.43
CA ALA E 162 -5.50 -6.81 -30.78
C ALA E 162 -5.25 -7.92 -31.79
N SER E 163 -4.46 -8.92 -31.42
CA SER E 163 -4.21 -10.03 -32.33
C SER E 163 -5.47 -10.86 -32.57
N PHE E 164 -6.28 -11.05 -31.53
CA PHE E 164 -7.57 -11.71 -31.69
C PHE E 164 -8.47 -10.91 -32.63
N ILE E 165 -8.47 -9.59 -32.47
CA ILE E 165 -9.29 -8.72 -33.32
C ILE E 165 -8.82 -8.80 -34.76
N LEU E 166 -7.51 -8.87 -34.98
CA LEU E 166 -6.99 -9.03 -36.34
C LEU E 166 -7.41 -10.36 -36.93
N ARG E 167 -7.41 -11.43 -36.13
CA ARG E 167 -7.90 -12.72 -36.63
C ARG E 167 -9.37 -12.65 -37.02
N ALA E 168 -10.19 -12.01 -36.18
CA ALA E 168 -11.61 -11.89 -36.48
C ALA E 168 -11.83 -11.07 -37.74
N LEU E 169 -11.09 -9.96 -37.89
CA LEU E 169 -11.20 -9.15 -39.08
C LEU E 169 -10.76 -9.92 -40.32
N SER E 170 -9.71 -10.74 -40.18
CA SER E 170 -9.26 -11.56 -41.29
C SER E 170 -10.37 -12.50 -41.75
N VAL E 171 -11.02 -13.17 -40.81
CA VAL E 171 -12.07 -14.11 -41.19
C VAL E 171 -13.27 -13.38 -41.76
N PHE E 172 -13.60 -12.20 -41.22
CA PHE E 172 -14.69 -11.41 -41.78
C PHE E 172 -14.39 -11.00 -43.22
N ILE E 173 -13.17 -10.55 -43.48
CA ILE E 173 -12.79 -10.18 -44.84
C ILE E 173 -12.89 -11.40 -45.75
N LYS E 174 -12.43 -12.55 -45.28
CA LYS E 174 -12.46 -13.76 -46.09
C LYS E 174 -13.88 -14.15 -46.47
N ASP E 175 -14.76 -14.27 -45.47
CA ASP E 175 -16.11 -14.75 -45.76
C ASP E 175 -17.02 -13.66 -46.31
N ALA E 176 -16.57 -12.41 -46.33
CA ALA E 176 -17.28 -11.38 -47.08
C ALA E 176 -16.83 -11.33 -48.54
N ALA E 177 -15.52 -11.50 -48.79
CA ALA E 177 -15.04 -11.54 -50.15
C ALA E 177 -15.56 -12.76 -50.89
N LEU E 178 -15.64 -13.91 -50.22
CA LEU E 178 -16.19 -15.10 -50.85
C LEU E 178 -17.65 -14.88 -51.26
N LYS E 179 -18.43 -14.26 -50.39
CA LYS E 179 -19.82 -13.95 -50.74
C LYS E 179 -19.89 -12.94 -51.88
N TRP E 180 -19.03 -11.92 -51.86
CA TRP E 180 -19.10 -10.87 -52.88
C TRP E 180 -18.69 -11.39 -54.25
N MET E 181 -17.75 -12.34 -54.30
CA MET E 181 -17.35 -12.91 -55.59
C MET E 181 -18.53 -13.58 -56.28
N TYR E 182 -19.32 -14.36 -55.54
CA TYR E 182 -20.45 -15.06 -56.13
C TYR E 182 -21.68 -14.18 -56.25
N SER E 183 -21.75 -13.08 -55.50
CA SER E 183 -22.84 -12.13 -55.69
C SER E 183 -22.63 -11.30 -56.95
N THR E 184 -21.39 -10.87 -57.21
CA THR E 184 -21.10 -10.09 -58.41
C THR E 184 -20.96 -11.00 -59.62
N ALA E 185 -20.20 -12.09 -59.48
CA ALA E 185 -20.02 -13.06 -60.57
C ALA E 185 -20.92 -14.24 -60.29
N ALA E 186 -22.20 -14.09 -60.66
CA ALA E 186 -23.19 -15.14 -60.46
C ALA E 186 -23.34 -16.03 -61.69
N GLN E 187 -23.29 -15.45 -62.89
CA GLN E 187 -23.48 -16.21 -64.11
C GLN E 187 -22.15 -16.86 -64.54
N GLN E 188 -22.25 -17.71 -65.56
CA GLN E 188 -21.07 -18.41 -66.06
C GLN E 188 -20.11 -17.44 -66.75
N HIS E 189 -20.64 -16.47 -67.50
CA HIS E 189 -19.79 -15.59 -68.29
C HIS E 189 -18.94 -14.66 -67.44
N GLN E 190 -19.29 -14.45 -66.18
CA GLN E 190 -18.50 -13.60 -65.29
C GLN E 190 -17.37 -14.35 -64.61
N TRP E 191 -17.36 -15.69 -64.70
CA TRP E 191 -16.32 -16.48 -64.03
C TRP E 191 -14.92 -16.11 -64.51
N ASP E 192 -14.78 -15.61 -65.74
CA ASP E 192 -13.48 -15.17 -66.21
C ASP E 192 -12.91 -14.09 -65.30
N GLY E 193 -13.76 -13.14 -64.87
CA GLY E 193 -13.32 -12.17 -63.90
C GLY E 193 -12.83 -12.81 -62.61
N LEU E 194 -13.53 -13.85 -62.16
CA LEU E 194 -13.04 -14.65 -61.04
C LEU E 194 -11.61 -15.11 -61.29
N LEU E 195 -11.35 -15.65 -62.47
CA LEU E 195 -9.99 -16.06 -62.82
C LEU E 195 -9.03 -14.90 -62.68
N SER E 196 -9.43 -13.71 -63.15
CA SER E 196 -8.59 -12.53 -62.98
C SER E 196 -8.33 -12.28 -61.50
N TYR E 197 -9.38 -12.34 -60.67
CA TYR E 197 -9.17 -12.16 -59.24
C TYR E 197 -8.36 -13.31 -58.66
N GLN E 198 -8.43 -14.48 -59.30
CA GLN E 198 -7.57 -15.58 -58.88
C GLN E 198 -6.12 -15.33 -59.24
N ASP E 199 -5.89 -14.61 -60.34
CA ASP E 199 -4.53 -14.28 -60.76
C ASP E 199 -4.04 -12.93 -60.26
N SER E 200 -4.92 -12.15 -59.64
CA SER E 200 -4.55 -10.83 -59.16
C SER E 200 -3.70 -10.93 -57.88
N LEU E 201 -2.86 -9.92 -57.68
CA LEU E 201 -2.03 -9.87 -56.49
C LEU E 201 -2.84 -9.57 -55.23
N SER E 202 -4.04 -9.00 -55.38
CA SER E 202 -4.87 -8.68 -54.22
C SER E 202 -5.25 -9.94 -53.45
N CYS E 203 -5.62 -11.00 -54.17
CA CYS E 203 -6.00 -12.26 -53.52
C CYS E 203 -4.83 -12.82 -52.71
N ARG E 204 -3.64 -12.86 -53.31
CA ARG E 204 -2.48 -13.40 -52.63
C ARG E 204 -2.10 -12.54 -51.43
N LEU E 205 -2.18 -11.22 -51.57
CA LEU E 205 -1.88 -10.33 -50.45
C LEU E 205 -2.86 -10.55 -49.30
N VAL E 206 -4.15 -10.69 -49.62
CA VAL E 206 -5.15 -10.92 -48.57
C VAL E 206 -4.91 -12.25 -47.87
N PHE E 207 -4.59 -13.29 -48.65
CA PHE E 207 -4.32 -14.59 -48.03
C PHE E 207 -3.08 -14.54 -47.14
N LEU E 208 -2.04 -13.84 -47.58
CA LEU E 208 -0.85 -13.68 -46.75
C LEU E 208 -1.17 -12.93 -45.46
N LEU E 209 -2.04 -11.91 -45.55
CA LEU E 209 -2.47 -11.20 -44.35
C LEU E 209 -3.23 -12.12 -43.42
N MET E 210 -4.09 -12.99 -43.97
CA MET E 210 -4.80 -13.97 -43.16
C MET E 210 -3.84 -14.87 -42.41
N GLN E 211 -2.86 -15.43 -43.12
CA GLN E 211 -1.90 -16.33 -42.50
C GLN E 211 -1.10 -15.60 -41.42
N TYR E 212 -0.69 -14.36 -41.69
CA TYR E 212 0.04 -13.60 -40.69
C TYR E 212 -0.81 -13.36 -39.45
N CYS E 213 -2.10 -13.04 -39.63
CA CYS E 213 -2.96 -12.80 -38.47
C CYS E 213 -3.11 -14.05 -37.62
N VAL E 214 -3.28 -15.21 -38.27
CA VAL E 214 -3.40 -16.46 -37.52
C VAL E 214 -2.11 -16.74 -36.74
N ALA E 215 -0.96 -16.61 -37.42
CA ALA E 215 0.31 -16.87 -36.77
C ALA E 215 0.56 -15.90 -35.62
N ALA E 216 0.17 -14.63 -35.80
CA ALA E 216 0.37 -13.63 -34.76
C ALA E 216 -0.49 -13.93 -33.55
N ASN E 217 -1.72 -14.42 -33.75
CA ASN E 217 -2.54 -14.80 -32.61
C ASN E 217 -1.90 -15.96 -31.85
N TYR E 218 -1.42 -16.97 -32.58
CA TYR E 218 -0.78 -18.10 -31.91
C TYR E 218 0.45 -17.66 -31.13
N TYR E 219 1.27 -16.80 -31.70
CA TYR E 219 2.49 -16.40 -31.03
C TYR E 219 2.25 -15.38 -29.92
N TRP E 220 1.13 -14.67 -29.93
CA TRP E 220 0.80 -13.84 -28.78
C TRP E 220 0.26 -14.68 -27.63
N LEU E 221 -0.48 -15.76 -27.92
CA LEU E 221 -0.78 -16.72 -26.88
C LEU E 221 0.50 -17.30 -26.29
N LEU E 222 1.47 -17.61 -27.15
CA LEU E 222 2.77 -18.09 -26.69
C LEU E 222 3.46 -17.07 -25.79
N VAL E 223 3.42 -15.80 -26.19
CA VAL E 223 4.07 -14.75 -25.39
C VAL E 223 3.39 -14.62 -24.03
N GLU E 224 2.07 -14.73 -24.00
CA GLU E 224 1.34 -14.67 -22.74
C GLU E 224 1.79 -15.80 -21.80
N GLY E 225 1.89 -17.02 -22.35
CA GLY E 225 2.36 -18.13 -21.55
C GLY E 225 3.78 -17.96 -21.07
N VAL E 226 4.65 -17.45 -21.93
CA VAL E 226 6.05 -17.25 -21.55
C VAL E 226 6.18 -16.20 -20.45
N TYR E 227 5.40 -15.12 -20.55
CA TYR E 227 5.43 -14.10 -19.50
C TYR E 227 4.95 -14.65 -18.17
N LEU E 228 3.87 -15.44 -18.18
CA LEU E 228 3.41 -16.05 -16.93
C LEU E 228 4.48 -16.98 -16.36
N TYR E 229 5.12 -17.78 -17.22
CA TYR E 229 6.15 -18.70 -16.75
C TYR E 229 7.33 -17.97 -16.14
N THR E 230 7.78 -16.89 -16.77
CA THR E 230 8.91 -16.13 -16.22
C THR E 230 8.50 -15.39 -14.95
N LEU E 231 7.23 -15.03 -14.81
CA LEU E 231 6.75 -14.51 -13.54
C LEU E 231 6.88 -15.56 -12.44
N LEU E 232 6.52 -16.81 -12.74
CA LEU E 232 6.56 -17.85 -11.71
C LEU E 232 8.00 -18.28 -11.41
N ALA E 233 8.84 -18.40 -12.43
CA ALA E 233 10.27 -18.65 -12.24
C ALA E 233 10.99 -17.32 -12.47
N PHE E 234 11.05 -16.51 -11.41
CA PHE E 234 11.34 -15.08 -11.51
C PHE E 234 12.82 -14.76 -11.34
N SER E 235 13.72 -15.66 -11.69
CA SER E 235 15.13 -15.32 -11.71
C SER E 235 15.41 -14.29 -12.81
N VAL E 236 16.35 -13.39 -12.52
CA VAL E 236 16.75 -12.32 -13.44
C VAL E 236 15.53 -11.48 -13.79
N PHE E 237 14.95 -10.81 -12.80
CA PHE E 237 13.82 -9.94 -13.03
C PHE E 237 14.23 -8.70 -13.81
N SER E 238 13.44 -8.34 -14.81
CA SER E 238 13.72 -7.18 -15.66
C SER E 238 12.48 -6.30 -15.71
N GLU E 239 12.64 -5.11 -16.30
CA GLU E 239 11.59 -4.09 -16.24
C GLU E 239 10.98 -3.78 -17.61
N GLN E 240 11.80 -3.35 -18.58
CA GLN E 240 11.26 -2.96 -19.88
C GLN E 240 12.07 -3.47 -21.06
N TRP E 241 13.28 -3.97 -20.86
CA TRP E 241 14.00 -4.59 -21.97
C TRP E 241 13.31 -5.85 -22.44
N ILE E 242 12.66 -6.58 -21.53
CA ILE E 242 11.98 -7.81 -21.90
C ILE E 242 10.65 -7.51 -22.58
N PHE E 243 10.04 -6.36 -22.31
CA PHE E 243 8.80 -6.00 -22.99
C PHE E 243 9.02 -5.77 -24.47
N ARG E 244 10.14 -5.15 -24.84
CA ARG E 244 10.44 -4.97 -26.25
C ARG E 244 10.63 -6.31 -26.95
N LEU E 245 11.25 -7.27 -26.25
CA LEU E 245 11.38 -8.61 -26.80
C LEU E 245 10.02 -9.29 -26.94
N TYR E 246 9.14 -9.11 -25.96
CA TYR E 246 7.82 -9.72 -26.02
C TYR E 246 6.98 -9.11 -27.14
N VAL E 247 7.12 -7.82 -27.40
CA VAL E 247 6.43 -7.20 -28.53
C VAL E 247 7.05 -7.63 -29.86
N SER E 248 8.37 -7.79 -29.91
CA SER E 248 9.00 -8.28 -31.13
C SER E 248 8.54 -9.69 -31.46
N ILE E 249 8.39 -10.54 -30.46
CA ILE E 249 7.79 -11.86 -30.65
C ILE E 249 6.28 -11.71 -30.74
N GLY E 250 5.66 -12.52 -31.58
CA GLY E 250 4.23 -12.41 -31.80
C GLY E 250 3.84 -11.47 -32.92
N TRP E 251 4.49 -10.31 -32.99
CA TRP E 251 4.30 -9.39 -34.10
C TRP E 251 5.35 -9.54 -35.18
N GLY E 252 6.61 -9.74 -34.80
CA GLY E 252 7.69 -9.84 -35.76
C GLY E 252 8.13 -11.26 -36.05
N VAL E 253 8.09 -12.13 -35.04
CA VAL E 253 8.51 -13.52 -35.24
C VAL E 253 7.65 -14.23 -36.28
N PRO E 254 6.31 -14.08 -36.29
CA PRO E 254 5.55 -14.68 -37.41
C PRO E 254 6.01 -14.21 -38.78
N LEU E 255 6.38 -12.93 -38.90
CA LEU E 255 6.88 -12.43 -40.17
C LEU E 255 8.14 -13.17 -40.61
N LEU E 256 8.89 -13.73 -39.67
CA LEU E 256 10.10 -14.47 -40.01
C LEU E 256 9.80 -15.81 -40.67
N PHE E 257 8.55 -16.29 -40.66
CA PHE E 257 8.21 -17.50 -41.37
C PHE E 257 6.94 -17.39 -42.21
N VAL E 258 6.26 -16.24 -42.17
CA VAL E 258 5.07 -16.06 -43.00
C VAL E 258 5.46 -15.59 -44.39
N VAL E 259 6.19 -14.48 -44.49
CA VAL E 259 6.59 -13.95 -45.78
C VAL E 259 7.65 -14.83 -46.45
N PRO E 260 8.52 -15.57 -45.74
CA PRO E 260 9.32 -16.57 -46.47
C PRO E 260 8.47 -17.64 -47.13
N TRP E 261 7.31 -17.96 -46.54
CA TRP E 261 6.42 -18.94 -47.16
C TRP E 261 5.84 -18.41 -48.47
N GLY E 262 5.06 -17.34 -48.38
CA GLY E 262 4.43 -16.82 -49.59
C GLY E 262 5.42 -16.53 -50.69
N ILE E 263 6.55 -15.90 -50.34
CA ILE E 263 7.57 -15.58 -51.32
C ILE E 263 8.00 -16.83 -52.06
N VAL E 264 8.28 -17.92 -51.33
CA VAL E 264 8.73 -19.12 -52.03
C VAL E 264 7.57 -19.69 -52.85
N LYS E 265 6.35 -19.61 -52.32
CA LYS E 265 5.20 -20.03 -53.10
C LYS E 265 4.92 -19.06 -54.24
N TYR E 266 5.42 -17.82 -54.13
CA TYR E 266 5.39 -16.91 -55.27
C TYR E 266 6.35 -17.37 -56.35
N LEU E 267 7.47 -18.01 -55.98
CA LEU E 267 8.46 -18.43 -56.95
C LEU E 267 8.24 -19.84 -57.49
N TYR E 268 7.26 -20.56 -56.95
CA TYR E 268 7.12 -21.95 -57.40
C TYR E 268 5.72 -22.31 -57.85
N GLU E 269 4.68 -21.81 -57.19
CA GLU E 269 3.32 -22.23 -57.49
C GLU E 269 2.47 -21.11 -58.07
N ASP E 270 2.29 -20.00 -57.33
CA ASP E 270 1.48 -18.86 -57.78
C ASP E 270 0.10 -19.30 -58.30
N GLU E 271 -0.43 -20.41 -57.78
CA GLU E 271 -1.64 -21.01 -58.30
C GLU E 271 -2.70 -21.13 -57.22
N GLY E 272 -3.95 -20.87 -57.60
CA GLY E 272 -5.06 -21.02 -56.70
C GLY E 272 -5.05 -20.09 -55.50
N CYS E 273 -4.56 -18.86 -55.68
CA CYS E 273 -4.47 -17.87 -54.60
C CYS E 273 -3.70 -18.44 -53.41
N TRP E 274 -2.64 -19.21 -53.70
CA TRP E 274 -1.77 -19.82 -52.71
C TRP E 274 -2.52 -20.75 -51.76
N THR E 275 -3.69 -21.24 -52.15
CA THR E 275 -4.47 -22.13 -51.30
C THR E 275 -4.18 -23.60 -51.59
N ARG E 276 -4.18 -23.97 -52.87
CA ARG E 276 -3.90 -25.35 -53.24
C ARG E 276 -2.48 -25.73 -52.87
N ASN E 277 -2.29 -26.97 -52.47
CA ASN E 277 -1.00 -27.48 -52.01
C ASN E 277 -0.44 -28.48 -53.00
N SER E 278 0.79 -28.25 -53.43
CA SER E 278 1.51 -29.16 -54.33
C SER E 278 2.61 -29.93 -53.61
N ASN E 279 3.48 -29.22 -52.90
CA ASN E 279 4.51 -29.84 -52.08
C ASN E 279 4.18 -29.66 -50.61
N MET E 280 4.34 -30.74 -49.84
CA MET E 280 3.99 -30.69 -48.43
C MET E 280 4.88 -29.72 -47.65
N ASN E 281 6.16 -29.62 -48.00
CA ASN E 281 7.08 -28.79 -47.26
C ASN E 281 6.67 -27.32 -47.28
N TYR E 282 6.03 -26.87 -48.36
CA TYR E 282 5.58 -25.48 -48.42
C TYR E 282 4.53 -25.19 -47.35
N TRP E 283 3.64 -26.15 -47.09
CA TRP E 283 2.71 -25.99 -45.98
C TRP E 283 3.40 -26.22 -44.64
N LEU E 284 4.42 -27.08 -44.60
CA LEU E 284 5.11 -27.35 -43.35
C LEU E 284 5.82 -26.12 -42.81
N ILE E 285 6.47 -25.35 -43.70
CA ILE E 285 7.25 -24.20 -43.25
C ILE E 285 6.39 -23.13 -42.61
N ILE E 286 5.06 -23.24 -42.71
CA ILE E 286 4.17 -22.37 -41.97
C ILE E 286 3.36 -23.12 -40.92
N ARG E 287 3.30 -24.45 -40.98
CA ARG E 287 2.56 -25.20 -39.98
C ARG E 287 3.40 -25.49 -38.75
N LEU E 288 4.65 -25.93 -38.94
CA LEU E 288 5.51 -26.24 -37.79
C LEU E 288 5.73 -25.08 -36.84
N PRO E 289 5.98 -23.84 -37.29
CA PRO E 289 6.11 -22.75 -36.30
C PRO E 289 4.89 -22.56 -35.43
N ILE E 290 3.70 -22.85 -35.94
CA ILE E 290 2.49 -22.78 -35.13
C ILE E 290 2.46 -23.91 -34.11
N LEU E 291 2.79 -25.13 -34.54
CA LEU E 291 2.80 -26.26 -33.62
C LEU E 291 3.86 -26.10 -32.53
N PHE E 292 4.95 -25.39 -32.84
CA PHE E 292 5.96 -25.11 -31.82
C PHE E 292 5.37 -24.27 -30.70
N ALA E 293 4.65 -23.20 -31.06
CA ALA E 293 4.01 -22.37 -30.04
C ALA E 293 2.97 -23.15 -29.27
N ILE E 294 2.21 -24.01 -29.97
CA ILE E 294 1.18 -24.81 -29.28
C ILE E 294 1.82 -25.75 -28.27
N GLY E 295 2.88 -26.45 -28.66
CA GLY E 295 3.55 -27.35 -27.74
C GLY E 295 4.15 -26.62 -26.55
N VAL E 296 4.80 -25.49 -26.81
CA VAL E 296 5.43 -24.75 -25.73
C VAL E 296 4.38 -24.23 -24.73
N ASN E 297 3.25 -23.71 -25.24
CA ASN E 297 2.27 -23.20 -24.30
C ASN E 297 1.55 -24.32 -23.57
N PHE E 298 1.46 -25.52 -24.15
CA PHE E 298 0.95 -26.67 -23.40
C PHE E 298 1.89 -27.07 -22.27
N LEU E 299 3.21 -27.06 -22.54
CA LEU E 299 4.17 -27.36 -21.48
C LEU E 299 4.10 -26.33 -20.36
N ILE E 300 3.97 -25.04 -20.73
CA ILE E 300 3.82 -23.99 -19.73
C ILE E 300 2.53 -24.20 -18.93
N PHE E 301 1.46 -24.64 -19.62
CA PHE E 301 0.21 -24.94 -18.94
C PHE E 301 0.42 -26.00 -17.87
N VAL E 302 1.09 -27.10 -18.22
CA VAL E 302 1.30 -28.19 -17.28
C VAL E 302 2.13 -27.70 -16.09
N ARG E 303 3.18 -26.94 -16.36
CA ARG E 303 4.03 -26.44 -15.27
C ARG E 303 3.26 -25.52 -14.34
N VAL E 304 2.45 -24.61 -14.88
CA VAL E 304 1.71 -23.68 -14.05
C VAL E 304 0.67 -24.41 -13.21
N ILE E 305 0.02 -25.43 -13.80
CA ILE E 305 -0.95 -26.21 -13.03
C ILE E 305 -0.26 -26.97 -11.90
N CYS E 306 0.94 -27.50 -12.17
CA CYS E 306 1.70 -28.17 -11.12
C CYS E 306 2.04 -27.21 -9.98
N ILE E 307 2.46 -25.99 -10.33
CA ILE E 307 2.78 -24.99 -9.30
C ILE E 307 1.54 -24.66 -8.47
N VAL E 308 0.40 -24.47 -9.14
CA VAL E 308 -0.84 -24.17 -8.42
C VAL E 308 -1.23 -25.32 -7.51
N VAL E 309 -1.04 -26.56 -7.96
CA VAL E 309 -1.34 -27.72 -7.13
C VAL E 309 -0.44 -27.74 -5.90
N SER E 310 0.84 -27.42 -6.07
CA SER E 310 1.73 -27.34 -4.92
C SER E 310 1.28 -26.28 -3.93
N LYS E 311 0.86 -25.12 -4.44
CA LYS E 311 0.37 -24.07 -3.56
C LYS E 311 -0.88 -24.52 -2.80
N LEU E 312 -1.78 -25.23 -3.47
CA LEU E 312 -2.99 -25.72 -2.81
C LEU E 312 -2.67 -26.81 -1.78
N LYS E 313 -1.68 -27.64 -2.05
CA LYS E 313 -1.19 -28.58 -1.04
C LYS E 313 -0.67 -27.85 0.18
N ALA E 314 0.09 -26.77 -0.03
CA ALA E 314 0.75 -26.08 1.08
C ALA E 314 -0.27 -25.51 2.05
N ASN E 315 -1.31 -24.85 1.54
CA ASN E 315 -2.30 -24.22 2.42
C ASN E 315 -3.54 -25.08 2.61
N ASP E 321 -12.95 -29.19 -1.54
CA ASP E 321 -12.83 -27.77 -1.85
C ASP E 321 -11.64 -27.49 -2.75
N ILE E 322 -10.59 -28.31 -2.59
CA ILE E 322 -9.39 -28.15 -3.41
C ILE E 322 -9.68 -28.51 -4.86
N LYS E 323 -10.50 -29.53 -5.09
CA LYS E 323 -10.83 -29.94 -6.45
C LYS E 323 -11.56 -28.84 -7.19
N CYS E 324 -12.49 -28.15 -6.51
CA CYS E 324 -13.20 -27.04 -7.13
C CYS E 324 -12.24 -25.92 -7.53
N ARG E 325 -11.32 -25.57 -6.63
CA ARG E 325 -10.37 -24.50 -6.94
C ARG E 325 -9.46 -24.89 -8.10
N LEU E 326 -8.99 -26.14 -8.11
CA LEU E 326 -8.12 -26.60 -9.19
C LEU E 326 -8.86 -26.60 -10.52
N ALA E 327 -10.12 -27.05 -10.53
CA ALA E 327 -10.91 -27.02 -11.76
C ALA E 327 -11.12 -25.59 -12.23
N LYS E 328 -11.43 -24.68 -11.30
CA LYS E 328 -11.64 -23.28 -11.68
C LYS E 328 -10.38 -22.68 -12.27
N SER E 329 -9.22 -22.92 -11.64
CA SER E 329 -7.97 -22.37 -12.16
C SER E 329 -7.63 -22.96 -13.53
N THR E 330 -7.83 -24.27 -13.70
CA THR E 330 -7.55 -24.89 -14.99
C THR E 330 -8.46 -24.32 -16.08
N LEU E 331 -9.75 -24.15 -15.78
CA LEU E 331 -10.69 -23.65 -16.78
C LEU E 331 -10.49 -22.16 -17.05
N THR E 332 -9.91 -21.42 -16.11
CA THR E 332 -9.53 -20.04 -16.37
C THR E 332 -8.26 -19.96 -17.21
N LEU E 333 -7.33 -20.90 -17.02
CA LEU E 333 -6.06 -20.85 -17.71
C LEU E 333 -6.13 -21.39 -19.13
N ILE E 334 -7.07 -22.29 -19.43
CA ILE E 334 -7.18 -22.83 -20.80
C ILE E 334 -7.42 -21.74 -21.84
N PRO E 335 -8.41 -20.84 -21.70
CA PRO E 335 -8.64 -19.87 -22.78
C PRO E 335 -7.49 -18.90 -22.99
N LEU E 336 -6.86 -18.42 -21.92
CA LEU E 336 -5.81 -17.42 -22.06
C LEU E 336 -4.61 -17.96 -22.81
N LEU E 337 -4.43 -19.28 -22.78
CA LEU E 337 -3.20 -19.89 -23.23
C LEU E 337 -3.39 -20.77 -24.45
N GLY E 338 -4.63 -21.02 -24.86
CA GLY E 338 -4.92 -21.74 -26.09
C GLY E 338 -4.51 -23.20 -26.09
N THR E 339 -4.78 -23.92 -25.00
CA THR E 339 -4.35 -25.30 -24.89
C THR E 339 -5.31 -26.27 -25.55
N HIS E 340 -6.54 -25.85 -25.84
CA HIS E 340 -7.49 -26.74 -26.51
C HIS E 340 -6.98 -27.18 -27.88
N GLU E 341 -6.13 -26.35 -28.51
CA GLU E 341 -5.54 -26.73 -29.78
C GLU E 341 -4.75 -28.03 -29.66
N VAL E 342 -4.13 -28.28 -28.50
CA VAL E 342 -3.37 -29.50 -28.30
C VAL E 342 -4.25 -30.73 -28.44
N ILE E 343 -5.56 -30.58 -28.29
CA ILE E 343 -6.47 -31.70 -28.47
C ILE E 343 -6.44 -32.18 -29.93
N PHE E 344 -6.33 -31.23 -30.87
CA PHE E 344 -6.40 -31.57 -32.29
C PHE E 344 -5.29 -30.92 -33.10
N ALA E 345 -4.20 -30.49 -32.47
CA ALA E 345 -3.08 -29.95 -33.23
C ALA E 345 -2.30 -31.05 -33.93
N PHE E 346 -2.06 -32.16 -33.24
CA PHE E 346 -1.22 -33.22 -33.76
C PHE E 346 -2.05 -34.39 -34.27
N THR E 355 -18.15 -39.16 -40.71
CA THR E 355 -18.53 -37.77 -40.45
C THR E 355 -17.85 -37.26 -39.17
N LEU E 356 -16.90 -38.04 -38.67
CA LEU E 356 -16.18 -37.64 -37.45
C LEU E 356 -15.37 -36.38 -37.69
N ARG E 357 -14.76 -36.27 -38.87
CA ARG E 357 -13.98 -35.07 -39.16
C ARG E 357 -14.88 -33.83 -39.24
N PHE E 358 -16.12 -33.99 -39.69
CA PHE E 358 -17.04 -32.86 -39.72
C PHE E 358 -17.35 -32.38 -38.30
N ILE E 359 -17.57 -33.32 -37.38
CA ILE E 359 -17.82 -32.93 -35.99
C ILE E 359 -16.59 -32.29 -35.38
N LYS E 360 -15.40 -32.81 -35.68
CA LYS E 360 -14.18 -32.22 -35.14
C LYS E 360 -13.96 -30.82 -35.66
N LEU E 361 -14.26 -30.60 -36.95
CA LEU E 361 -14.16 -29.25 -37.52
C LEU E 361 -15.19 -28.31 -36.88
N PHE E 362 -16.41 -28.81 -36.67
CA PHE E 362 -17.43 -28.00 -36.00
C PHE E 362 -16.94 -27.54 -34.63
N THR E 363 -16.47 -28.48 -33.82
CA THR E 363 -15.99 -28.13 -32.48
C THR E 363 -14.81 -27.17 -32.55
N GLU E 364 -13.84 -27.45 -33.42
CA GLU E 364 -12.67 -26.60 -33.54
C GLU E 364 -13.07 -25.17 -33.88
N LEU E 365 -13.83 -24.99 -34.96
CA LEU E 365 -14.20 -23.65 -35.40
C LEU E 365 -15.03 -22.92 -34.35
N SER E 366 -16.03 -23.60 -33.78
CA SER E 366 -16.90 -22.92 -32.81
C SER E 366 -16.12 -22.49 -31.57
N PHE E 367 -15.31 -23.39 -31.02
CA PHE E 367 -14.67 -23.09 -29.75
C PHE E 367 -13.51 -22.11 -29.95
N THR E 368 -12.81 -22.20 -31.08
CA THR E 368 -11.80 -21.21 -31.42
C THR E 368 -12.43 -19.84 -31.64
N SER E 369 -13.63 -19.81 -32.22
CA SER E 369 -14.31 -18.53 -32.43
C SER E 369 -14.71 -17.90 -31.10
N PHE E 370 -15.17 -18.71 -30.14
CA PHE E 370 -15.56 -18.15 -28.85
C PHE E 370 -14.38 -17.97 -27.90
N GLN E 371 -13.18 -18.40 -28.29
CA GLN E 371 -12.01 -18.20 -27.43
C GLN E 371 -11.77 -16.73 -27.12
N GLY E 372 -11.89 -15.85 -28.12
CA GLY E 372 -11.68 -14.43 -27.87
C GLY E 372 -12.68 -13.86 -26.88
N LEU E 373 -13.96 -14.23 -27.04
CA LEU E 373 -14.99 -13.80 -26.11
C LEU E 373 -14.68 -14.25 -24.69
N MET E 374 -14.34 -15.53 -24.52
CA MET E 374 -14.11 -16.03 -23.17
C MET E 374 -12.82 -15.48 -22.57
N VAL E 375 -11.80 -15.20 -23.38
CA VAL E 375 -10.60 -14.54 -22.89
C VAL E 375 -10.94 -13.13 -22.39
N ALA E 376 -11.71 -12.39 -23.18
CA ALA E 376 -12.10 -11.05 -22.78
C ALA E 376 -12.90 -11.08 -21.48
N ILE E 377 -13.83 -12.02 -21.36
CA ILE E 377 -14.65 -12.13 -20.15
C ILE E 377 -13.77 -12.45 -18.95
N LEU E 378 -12.90 -13.45 -19.08
CA LEU E 378 -12.16 -13.96 -17.92
C LEU E 378 -11.00 -13.07 -17.51
N TYR E 379 -10.51 -12.21 -18.40
CA TYR E 379 -9.34 -11.40 -18.07
C TYR E 379 -9.59 -9.91 -18.19
N CYS E 380 -10.81 -9.49 -18.48
CA CYS E 380 -11.15 -8.08 -18.34
C CYS E 380 -12.44 -7.84 -17.56
N PHE E 381 -13.45 -8.70 -17.71
CA PHE E 381 -14.76 -8.39 -17.16
C PHE E 381 -14.94 -8.94 -15.75
N VAL E 382 -14.70 -10.23 -15.55
CA VAL E 382 -14.86 -10.84 -14.23
C VAL E 382 -13.57 -10.71 -13.44
N ASN E 383 -12.60 -9.98 -13.99
CA ASN E 383 -11.38 -9.68 -13.26
C ASN E 383 -11.70 -8.81 -12.05
N ASN E 384 -11.22 -9.24 -10.88
CA ASN E 384 -11.56 -8.54 -9.63
C ASN E 384 -11.03 -7.12 -9.63
N GLU E 385 -9.81 -6.93 -10.16
CA GLU E 385 -9.22 -5.60 -10.18
C GLU E 385 -10.03 -4.64 -11.05
N VAL E 386 -10.49 -5.10 -12.22
CA VAL E 386 -11.27 -4.25 -13.10
C VAL E 386 -12.62 -3.92 -12.46
N GLN E 387 -13.22 -4.90 -11.77
CA GLN E 387 -14.48 -4.64 -11.09
C GLN E 387 -14.30 -3.61 -9.98
N LEU E 388 -13.19 -3.70 -9.23
CA LEU E 388 -12.90 -2.69 -8.22
C LEU E 388 -12.71 -1.31 -8.85
N GLU E 389 -12.02 -1.27 -10.01
CA GLU E 389 -11.88 -0.01 -10.74
C GLU E 389 -13.24 0.57 -11.10
N PHE E 390 -14.14 -0.27 -11.63
CA PHE E 390 -15.46 0.19 -12.00
C PHE E 390 -16.25 0.69 -10.79
N ARG E 391 -16.21 -0.05 -9.69
CA ARG E 391 -16.96 0.36 -8.50
C ARG E 391 -16.45 1.69 -7.95
N LYS E 392 -15.12 1.85 -7.85
CA LYS E 392 -14.62 3.10 -7.31
C LYS E 392 -14.82 4.27 -8.27
N SER E 393 -14.71 4.02 -9.59
CA SER E 393 -15.01 5.07 -10.55
C SER E 393 -16.47 5.50 -10.45
N TRP E 394 -17.38 4.54 -10.26
CA TRP E 394 -18.79 4.88 -10.07
C TRP E 394 -18.99 5.66 -8.78
N GLU E 395 -18.25 5.31 -7.73
CA GLU E 395 -18.37 6.08 -6.48
C GLU E 395 -17.94 7.53 -6.67
N ARG E 396 -16.81 7.75 -7.36
CA ARG E 396 -16.41 9.13 -7.67
C ARG E 396 -17.44 9.83 -8.55
N TRP E 397 -17.98 9.13 -9.54
CA TRP E 397 -19.00 9.74 -10.40
C TRP E 397 -20.25 10.11 -9.60
N ARG E 398 -20.58 9.33 -8.57
CA ARG E 398 -21.70 9.67 -7.71
C ARG E 398 -21.38 10.80 -6.73
N LEU E 399 -20.10 10.95 -6.36
CA LEU E 399 -19.68 12.06 -5.52
C LEU E 399 -19.40 13.33 -6.31
N GLU E 400 -19.51 13.28 -7.63
CA GLU E 400 -19.33 14.47 -8.46
C GLU E 400 -20.62 15.29 -8.52
C10 BYI F . -10.32 -19.78 -49.87
C13 BYI F . -9.45 -21.86 -48.24
C15 BYI F . -10.74 -23.58 -49.63
C20 BYI F . -12.78 -27.08 -48.19
C21 BYI F . -11.48 -26.69 -47.49
C22 BYI F . -11.44 -25.95 -46.08
C24 BYI F . -12.39 -25.22 -43.97
C26 BYI F . -10.13 -24.63 -44.51
C01 BYI F . -10.24 -13.56 -49.41
C02 BYI F . -9.51 -14.74 -50.09
C03 BYI F . -9.97 -14.80 -51.56
C04 BYI F . -7.98 -14.48 -50.01
C06 BYI F . -9.12 -17.14 -49.61
C09 BYI F . -9.48 -19.51 -48.79
C11 BYI F . -10.72 -21.09 -50.14
C12 BYI F . -10.29 -22.13 -49.33
C14 BYI F . -9.06 -20.55 -47.98
C18 BYI F . -11.00 -26.04 -48.77
C19 BYI F . -12.38 -26.12 -49.29
C23 BYI F . -12.51 -25.90 -45.17
C25 BYI F . -11.21 -24.59 -43.63
C27 BYI F . -10.25 -25.31 -45.72
C29 BYI F . -11.39 -22.52 -42.55
C31 BYI F . -11.00 -21.51 -41.45
C32 BYI F . -9.74 -21.38 -40.84
C33 BYI F . -9.69 -20.34 -39.87
C34 BYI F . -10.91 -19.65 -39.68
C37 BYI F . -14.59 -24.41 -43.54
C38 BYI F . -12.60 -28.53 -48.69
C42 BYI F . -15.16 -27.80 -47.35
C44 BYI F . -16.35 -27.48 -46.37
C45 BYI F . -16.08 -27.31 -45.02
C46 BYI F . -17.11 -27.05 -44.13
C47 BYI F . -18.42 -26.95 -44.60
C48 BYI F . -18.70 -27.13 -45.95
C49 BYI F . -17.65 -27.40 -46.84
C51 BYI F . -20.36 -27.78 -43.16
C54 BYI F . -20.25 -30.12 -43.79
C55 BYI F . -21.16 -30.86 -42.78
C56 BYI F . -18.81 -30.05 -43.22
C57 BYI F . -20.22 -30.92 -45.11
C58 BYI F . -13.76 -25.38 -49.23
C59 BYI F . -13.81 -24.16 -48.57
C60 BYI F . -14.99 -23.41 -48.49
C61 BYI F . -16.14 -23.89 -49.13
C62 BYI F . -16.08 -25.10 -49.83
C63 BYI F . -14.91 -25.83 -49.92
C65 BYI F . -17.71 -22.50 -47.91
C67 BYI F . -18.08 -20.99 -47.95
C68 BYI F . -18.49 -20.26 -49.08
C69 BYI F . -18.75 -18.88 -48.81
C70 BYI F . -18.56 -18.51 -47.48
C73 BYI F . -14.28 -22.27 -46.52
C74 BYI F . -10.03 -26.86 -49.53
N08 BYI F . -9.06 -18.13 -48.52
N17 BYI F . -10.58 -24.61 -48.57
N41 BYI F . -13.96 -26.90 -47.37
N50 BYI F . -19.52 -26.67 -43.65
O05 BYI F . -9.87 -15.95 -49.40
O07 BYI F . -8.56 -17.38 -50.63
O16 BYI F . -11.22 -23.85 -50.69
O28 BYI F . -11.09 -23.89 -42.40
O30 BYI F . -11.95 -22.14 -43.52
O36 BYI F . -13.49 -25.18 -43.07
O39 BYI F . -12.07 -29.41 -47.95
O40 BYI F . -13.01 -28.85 -49.86
O43 BYI F . -15.28 -28.74 -48.06
O52 BYI F . -20.71 -27.79 -42.03
O53 BYI F . -20.76 -28.81 -44.05
O64 BYI F . -17.38 -23.18 -49.10
O66 BYI F . -17.69 -23.08 -46.88
O72 BYI F . -14.96 -22.20 -47.76
O75 BYI F . -8.91 -27.16 -49.02
O76 BYI F . -10.32 -27.25 -50.70
S35 BYI F . -12.00 -20.35 -40.75
S71 BYI F . -18.05 -19.90 -46.66
#